data_9U94
#
_entry.id   9U94
#
_cell.length_a   1.00
_cell.length_b   1.00
_cell.length_c   1.00
_cell.angle_alpha   90.00
_cell.angle_beta   90.00
_cell.angle_gamma   90.00
#
_symmetry.space_group_name_H-M   'P 1'
#
loop_
_entity.id
_entity.type
_entity.pdbx_description
1 polymer 'Fusobacterium nucleatum CbpF'
2 polymer 'Cell adhesion molecule CEACAM1'
#
loop_
_entity_poly.entity_id
_entity_poly.type
_entity_poly.pdbx_seq_one_letter_code
_entity_poly.pdbx_strand_id
1 'polypeptide(L)'
;MVSFSAPVFQAGTGTDSTVAGVNNEANGEKSSAFGYENKAKEKLSSAFGYKNIANGIEGSAFGISNLAKGQYSSAFGFRN
VANKRHSSAFGSGNEANGEQSSAFGFKNTVSGFNSSAFGSQYEVTGNFSGAFGMGEFNGQYQYKNEGNNSYMIGNKNKIA
SGSNDNFILGNNVHIGGGINNSVALGNNSTVSASNTVSVGSSTLKRKIVNVGDGAISANSSDAVTGRQLYSGNGIDTAAW
QNKLNVTRKNDYKDANDIDVNKWKAKLGVGSGGGGGTADIENLRNEVNEKIDDVKDEVRENLYFQGSAWSHPQFEKGGGS
GGGSGGSAWSHPQFEKHHHHHH
;
C,A,B
2 'polypeptide(L)'
;MQLTTESMPFNVAEGKEVLLLVHNLPQQLFGYSWYKGERVDGNRQIVGYAIGTQQATPGPANSGRETIYPNASLLIQNVT
QNDTGFYTLQVIKSDLVNEEATGQFHVYENLYFQGSAWSHPQFEKGGGSGGGSGGSAWSHPQFEK
;
F,E,D
#
# COMPACT_ATOMS: atom_id res chain seq x y z
N SER A 5 19.21 -40.64 -16.62
CA SER A 5 20.03 -41.23 -15.57
C SER A 5 19.20 -41.50 -14.32
N ALA A 6 19.58 -42.53 -13.57
CA ALA A 6 18.88 -42.87 -12.34
C ALA A 6 19.19 -41.86 -11.25
N PRO A 7 18.24 -41.62 -10.34
CA PRO A 7 18.50 -40.70 -9.23
C PRO A 7 19.60 -41.21 -8.32
N VAL A 8 20.34 -40.29 -7.73
CA VAL A 8 21.48 -40.63 -6.88
C VAL A 8 21.42 -39.83 -5.59
N PHE A 9 21.74 -40.48 -4.48
CA PHE A 9 21.69 -39.88 -3.14
C PHE A 9 23.05 -40.07 -2.48
N GLN A 10 23.91 -39.05 -2.57
CA GLN A 10 25.27 -39.16 -2.07
C GLN A 10 25.80 -37.76 -1.78
N ALA A 11 27.11 -37.66 -1.58
CA ALA A 11 27.77 -36.40 -1.31
C ALA A 11 28.19 -35.72 -2.61
N GLY A 12 28.50 -34.43 -2.51
CA GLY A 12 28.92 -33.64 -3.63
C GLY A 12 30.43 -33.47 -3.70
N THR A 13 30.85 -32.45 -4.45
CA THR A 13 32.26 -32.16 -4.64
C THR A 13 32.80 -31.20 -3.59
N GLY A 14 31.95 -30.63 -2.74
CA GLY A 14 32.39 -29.77 -1.68
C GLY A 14 32.47 -30.50 -0.34
N THR A 15 32.83 -29.75 0.69
CA THR A 15 32.91 -30.28 2.04
C THR A 15 31.54 -30.20 2.70
N ASP A 16 31.02 -31.35 3.12
CA ASP A 16 29.72 -31.45 3.80
C ASP A 16 28.59 -30.94 2.92
N SER A 17 28.59 -31.36 1.65
CA SER A 17 27.58 -30.98 0.68
C SER A 17 26.70 -32.17 0.33
N THR A 18 25.53 -31.89 -0.23
CA THR A 18 24.55 -32.93 -0.49
C THR A 18 23.79 -32.65 -1.78
N VAL A 19 23.64 -33.68 -2.60
CA VAL A 19 22.86 -33.64 -3.83
C VAL A 19 21.82 -34.76 -3.75
N ALA A 20 20.56 -34.44 -4.09
CA ALA A 20 19.48 -35.41 -4.00
C ALA A 20 18.53 -35.22 -5.18
N GLY A 21 18.59 -36.13 -6.13
CA GLY A 21 17.72 -36.10 -7.30
C GLY A 21 18.45 -36.68 -8.52
N VAL A 22 18.25 -36.00 -9.65
CA VAL A 22 18.79 -36.42 -10.94
C VAL A 22 19.68 -35.30 -11.46
N ASN A 23 20.95 -35.63 -11.74
CA ASN A 23 21.91 -34.72 -12.36
C ASN A 23 22.06 -33.41 -11.59
N ASN A 24 22.26 -33.53 -10.28
CA ASN A 24 22.50 -32.39 -9.42
C ASN A 24 24.00 -32.28 -9.15
N GLU A 25 24.45 -31.07 -8.83
CA GLU A 25 25.84 -30.84 -8.47
C GLU A 25 25.92 -29.72 -7.44
N ALA A 26 26.57 -30.01 -6.31
CA ALA A 26 26.83 -29.04 -5.26
C ALA A 26 28.34 -28.87 -5.13
N ASN A 27 28.83 -27.64 -5.32
CA ASN A 27 30.25 -27.36 -5.34
C ASN A 27 30.76 -26.57 -4.17
N GLY A 28 29.89 -25.96 -3.37
CA GLY A 28 30.30 -25.16 -2.25
C GLY A 28 30.40 -25.95 -0.95
N GLU A 29 30.86 -25.26 0.09
CA GLU A 29 30.98 -25.86 1.42
C GLU A 29 29.65 -25.75 2.13
N LYS A 30 29.11 -26.89 2.57
CA LYS A 30 27.80 -26.97 3.22
C LYS A 30 26.70 -26.42 2.31
N SER A 31 26.56 -27.05 1.15
CA SER A 31 25.59 -26.66 0.15
C SER A 31 24.60 -27.81 -0.09
N SER A 32 23.43 -27.46 -0.62
CA SER A 32 22.36 -28.42 -0.80
C SER A 32 21.69 -28.21 -2.16
N ALA A 33 21.57 -29.30 -2.93
CA ALA A 33 20.91 -29.27 -4.23
C ALA A 33 19.88 -30.40 -4.27
N PHE A 34 18.61 -30.05 -4.08
CA PHE A 34 17.54 -31.05 -4.03
C PHE A 34 16.54 -30.80 -5.15
N GLY A 35 16.25 -31.84 -5.93
CA GLY A 35 15.27 -31.73 -6.99
C GLY A 35 15.74 -32.27 -8.33
N TYR A 36 15.46 -31.56 -9.41
CA TYR A 36 15.86 -31.99 -10.75
C TYR A 36 16.86 -30.98 -11.33
N GLU A 37 18.11 -31.41 -11.47
CA GLU A 37 19.15 -30.68 -12.20
C GLU A 37 19.35 -29.27 -11.63
N ASN A 38 19.65 -29.22 -10.35
CA ASN A 38 19.91 -27.97 -9.64
C ASN A 38 21.40 -27.74 -9.50
N LYS A 39 21.77 -26.50 -9.17
CA LYS A 39 23.17 -26.09 -9.10
C LYS A 39 23.36 -25.14 -7.92
N ALA A 40 24.14 -25.57 -6.94
CA ALA A 40 24.58 -24.73 -5.83
C ALA A 40 26.09 -24.58 -5.92
N LYS A 41 26.57 -23.33 -5.98
CA LYS A 41 27.96 -23.07 -6.33
C LYS A 41 28.73 -22.26 -5.32
N GLU A 42 28.15 -21.91 -4.17
CA GLU A 42 28.83 -21.06 -3.21
C GLU A 42 28.65 -21.64 -1.81
N LYS A 43 29.06 -20.86 -0.82
CA LYS A 43 29.04 -21.29 0.58
C LYS A 43 27.68 -21.04 1.20
N LEU A 44 27.10 -22.09 1.80
CA LEU A 44 25.81 -22.01 2.49
C LEU A 44 24.69 -21.59 1.55
N SER A 45 24.61 -22.25 0.40
CA SER A 45 23.62 -21.95 -0.62
C SER A 45 22.69 -23.14 -0.81
N SER A 46 21.43 -22.85 -1.16
CA SER A 46 20.40 -23.86 -1.26
C SER A 46 19.63 -23.71 -2.57
N ALA A 47 19.48 -24.83 -3.29
CA ALA A 47 18.73 -24.87 -4.54
C ALA A 47 17.72 -26.00 -4.46
N PHE A 48 16.42 -25.65 -4.37
CA PHE A 48 15.36 -26.63 -4.20
C PHE A 48 14.33 -26.48 -5.31
N GLY A 49 14.10 -27.56 -6.06
CA GLY A 49 13.04 -27.57 -7.05
C GLY A 49 13.43 -28.05 -8.44
N TYR A 50 13.24 -27.20 -9.45
CA TYR A 50 13.51 -27.56 -10.83
C TYR A 50 14.42 -26.52 -11.47
N LYS A 51 15.65 -26.91 -11.79
CA LYS A 51 16.61 -26.08 -12.53
C LYS A 51 16.80 -24.73 -11.87
N ASN A 52 17.32 -24.75 -10.65
CA ASN A 52 17.57 -23.54 -9.87
C ASN A 52 19.07 -23.33 -9.72
N ILE A 53 19.50 -22.07 -9.78
CA ILE A 53 20.91 -21.71 -9.67
C ILE A 53 21.07 -20.74 -8.51
N ALA A 54 22.03 -21.04 -7.63
CA ALA A 54 22.37 -20.17 -6.51
C ALA A 54 23.87 -19.88 -6.58
N ASN A 55 24.22 -18.65 -6.96
CA ASN A 55 25.61 -18.26 -7.16
C ASN A 55 26.15 -17.35 -6.07
N GLY A 56 25.31 -16.89 -5.15
CA GLY A 56 25.78 -16.00 -4.11
C GLY A 56 25.97 -16.68 -2.78
N ILE A 57 26.72 -16.04 -1.88
CA ILE A 57 26.93 -16.57 -0.54
C ILE A 57 25.64 -16.40 0.25
N GLU A 58 25.15 -17.51 0.82
CA GLU A 58 23.90 -17.54 1.58
C GLU A 58 22.72 -17.05 0.72
N GLY A 59 22.62 -17.60 -0.48
CA GLY A 59 21.53 -17.31 -1.40
C GLY A 59 20.63 -18.53 -1.55
N SER A 60 19.33 -18.30 -1.66
CA SER A 60 18.34 -19.35 -1.69
C SER A 60 17.48 -19.24 -2.94
N ALA A 61 17.34 -20.36 -3.66
CA ALA A 61 16.45 -20.45 -4.81
C ALA A 61 15.46 -21.58 -4.56
N PHE A 62 14.17 -21.24 -4.55
CA PHE A 62 13.12 -22.22 -4.23
C PHE A 62 12.01 -22.12 -5.27
N GLY A 63 11.82 -23.19 -6.04
CA GLY A 63 10.76 -23.22 -7.02
C GLY A 63 11.15 -23.71 -8.40
N ILE A 64 10.79 -22.95 -9.43
CA ILE A 64 11.04 -23.34 -10.82
C ILE A 64 11.84 -22.24 -11.51
N SER A 65 13.05 -22.59 -11.94
CA SER A 65 13.90 -21.74 -12.78
C SER A 65 14.14 -20.37 -12.14
N ASN A 66 14.75 -20.38 -10.95
CA ASN A 66 15.05 -19.18 -10.20
C ASN A 66 16.56 -18.94 -10.16
N LEU A 67 16.94 -17.67 -10.02
CA LEU A 67 18.33 -17.27 -9.94
C LEU A 67 18.54 -16.38 -8.73
N ALA A 68 19.55 -16.71 -7.93
CA ALA A 68 19.92 -15.92 -6.75
C ALA A 68 21.41 -15.63 -6.83
N LYS A 69 21.76 -14.41 -7.24
CA LYS A 69 23.15 -14.06 -7.50
C LYS A 69 23.80 -13.23 -6.39
N GLY A 70 23.02 -12.44 -5.67
CA GLY A 70 23.60 -11.59 -4.64
C GLY A 70 23.78 -12.29 -3.31
N GLN A 71 24.47 -11.61 -2.40
CA GLN A 71 24.67 -12.11 -1.05
C GLN A 71 23.42 -11.86 -0.21
N TYR A 72 22.99 -12.89 0.52
CA TYR A 72 21.76 -12.83 1.32
C TYR A 72 20.56 -12.48 0.45
N SER A 73 20.42 -13.19 -0.67
CA SER A 73 19.35 -12.93 -1.64
C SER A 73 18.41 -14.11 -1.69
N SER A 74 17.14 -13.83 -2.01
CA SER A 74 16.09 -14.85 -1.98
C SER A 74 15.24 -14.76 -3.24
N ALA A 75 15.08 -15.91 -3.91
CA ALA A 75 14.20 -16.03 -5.06
C ALA A 75 13.20 -17.15 -4.81
N PHE A 76 11.92 -16.80 -4.75
CA PHE A 76 10.88 -17.77 -4.37
C PHE A 76 9.74 -17.71 -5.37
N GLY A 77 9.55 -18.81 -6.10
CA GLY A 77 8.43 -18.93 -7.02
C GLY A 77 8.78 -19.37 -8.43
N PHE A 78 8.30 -18.61 -9.42
CA PHE A 78 8.45 -18.96 -10.83
C PHE A 78 9.27 -17.88 -11.53
N ARG A 79 10.49 -18.22 -11.91
CA ARG A 79 11.36 -17.39 -12.76
C ARG A 79 11.60 -16.01 -12.16
N ASN A 80 12.26 -16.04 -11.01
CA ASN A 80 12.62 -14.82 -10.28
C ASN A 80 14.13 -14.62 -10.30
N VAL A 81 14.54 -13.35 -10.22
CA VAL A 81 15.95 -12.99 -10.23
C VAL A 81 16.23 -12.02 -9.08
N ALA A 82 17.23 -12.35 -8.27
CA ALA A 82 17.73 -11.47 -7.21
C ALA A 82 19.22 -11.27 -7.43
N ASN A 83 19.64 -10.01 -7.53
CA ASN A 83 20.99 -9.69 -7.98
C ASN A 83 21.87 -9.03 -6.92
N LYS A 84 21.31 -8.20 -6.04
CA LYS A 84 22.10 -7.42 -5.09
C LYS A 84 21.95 -7.99 -3.68
N ARG A 85 22.59 -7.30 -2.73
CA ARG A 85 22.53 -7.71 -1.34
C ARG A 85 21.16 -7.42 -0.75
N HIS A 86 20.64 -8.37 0.04
CA HIS A 86 19.38 -8.22 0.77
C HIS A 86 18.22 -7.88 -0.17
N SER A 87 18.21 -8.49 -1.35
CA SER A 87 17.17 -8.29 -2.34
C SER A 87 16.28 -9.51 -2.40
N SER A 88 14.96 -9.27 -2.52
CA SER A 88 13.98 -10.34 -2.45
C SER A 88 13.06 -10.29 -3.66
N ALA A 89 12.85 -11.45 -4.29
CA ALA A 89 11.91 -11.59 -5.39
C ALA A 89 10.92 -12.70 -5.05
N PHE A 90 9.64 -12.34 -4.96
CA PHE A 90 8.61 -13.28 -4.52
C PHE A 90 7.44 -13.25 -5.49
N GLY A 91 7.18 -14.39 -6.13
CA GLY A 91 6.05 -14.50 -7.03
C GLY A 91 6.38 -15.04 -8.41
N SER A 92 5.98 -14.31 -9.45
CA SER A 92 6.17 -14.75 -10.83
C SER A 92 6.84 -13.64 -11.63
N GLY A 93 8.02 -13.94 -12.16
CA GLY A 93 8.71 -13.05 -13.08
C GLY A 93 9.19 -11.73 -12.52
N ASN A 94 9.75 -11.73 -11.31
CA ASN A 94 10.20 -10.51 -10.67
C ASN A 94 11.73 -10.44 -10.68
N GLU A 95 12.26 -9.24 -10.87
CA GLU A 95 13.69 -8.99 -10.81
C GLU A 95 13.96 -7.82 -9.88
N ALA A 96 14.96 -7.96 -9.02
CA ALA A 96 15.35 -6.93 -8.07
C ALA A 96 16.84 -6.64 -8.24
N ASN A 97 17.15 -5.46 -8.79
CA ASN A 97 18.53 -5.08 -9.07
C ASN A 97 19.00 -3.92 -8.18
N GLY A 98 18.45 -3.82 -6.98
CA GLY A 98 18.87 -2.80 -6.04
C GLY A 98 19.14 -3.39 -4.68
N GLU A 99 20.02 -2.74 -3.94
CA GLU A 99 20.35 -3.18 -2.60
C GLU A 99 19.19 -2.92 -1.65
N GLN A 100 18.82 -3.93 -0.87
CA GLN A 100 17.69 -3.85 0.05
C GLN A 100 16.39 -3.46 -0.67
N SER A 101 16.11 -4.18 -1.76
CA SER A 101 14.94 -3.94 -2.59
C SER A 101 13.99 -5.13 -2.51
N SER A 102 12.74 -4.90 -2.89
CA SER A 102 11.69 -5.91 -2.75
C SER A 102 10.75 -5.85 -3.94
N ALA A 103 10.61 -6.99 -4.63
CA ALA A 103 9.66 -7.13 -5.74
C ALA A 103 8.67 -8.24 -5.40
N PHE A 104 7.38 -7.88 -5.34
CA PHE A 104 6.36 -8.83 -4.91
C PHE A 104 5.20 -8.81 -5.90
N GLY A 105 4.93 -9.97 -6.51
CA GLY A 105 3.81 -10.10 -7.42
C GLY A 105 4.14 -10.62 -8.80
N PHE A 106 3.66 -9.91 -9.83
CA PHE A 106 3.79 -10.36 -11.22
C PHE A 106 4.53 -9.29 -12.03
N LYS A 107 5.71 -9.65 -12.52
CA LYS A 107 6.47 -8.83 -13.47
C LYS A 107 6.76 -7.44 -12.92
N ASN A 108 7.52 -7.40 -11.82
CA ASN A 108 7.90 -6.14 -11.18
C ASN A 108 9.43 -6.04 -11.18
N THR A 109 9.93 -4.87 -11.56
CA THR A 109 11.36 -4.60 -11.62
C THR A 109 11.69 -3.42 -10.71
N VAL A 110 12.66 -3.61 -9.82
CA VAL A 110 13.14 -2.56 -8.92
C VAL A 110 14.64 -2.45 -9.08
N SER A 111 15.13 -1.23 -9.31
CA SER A 111 16.56 -0.98 -9.48
C SER A 111 17.02 0.20 -8.66
N GLY A 112 16.34 0.51 -7.55
CA GLY A 112 16.73 1.60 -6.68
C GLY A 112 17.18 1.08 -5.32
N PHE A 113 17.70 2.02 -4.52
CA PHE A 113 18.17 1.72 -3.18
C PHE A 113 17.03 1.90 -2.19
N ASN A 114 16.66 0.81 -1.52
CA ASN A 114 15.55 0.80 -0.56
C ASN A 114 14.23 1.22 -1.22
N SER A 115 13.83 0.44 -2.22
CA SER A 115 12.59 0.67 -2.95
C SER A 115 11.76 -0.59 -2.96
N SER A 116 10.44 -0.43 -3.10
CA SER A 116 9.50 -1.55 -3.00
C SER A 116 8.44 -1.47 -4.08
N ALA A 117 8.15 -2.62 -4.68
CA ALA A 117 7.11 -2.72 -5.70
C ALA A 117 6.17 -3.86 -5.39
N PHE A 118 4.86 -3.57 -5.38
CA PHE A 118 3.85 -4.59 -5.14
C PHE A 118 2.78 -4.51 -6.21
N GLY A 119 2.54 -5.62 -6.89
CA GLY A 119 1.44 -5.68 -7.84
C GLY A 119 1.75 -6.27 -9.20
N SER A 120 1.51 -5.50 -10.26
CA SER A 120 1.63 -5.99 -11.63
C SER A 120 2.23 -4.91 -12.53
N GLN A 121 3.41 -5.18 -13.07
CA GLN A 121 4.00 -4.44 -14.18
C GLN A 121 4.27 -2.97 -13.85
N TYR A 122 5.10 -2.76 -12.83
CA TYR A 122 5.75 -1.49 -12.55
C TYR A 122 7.27 -1.62 -12.48
N GLU A 123 7.93 -0.52 -12.81
CA GLU A 123 9.37 -0.37 -12.68
C GLU A 123 9.66 0.84 -11.79
N VAL A 124 10.49 0.65 -10.78
CA VAL A 124 10.89 1.72 -9.87
C VAL A 124 12.40 1.88 -9.98
N THR A 125 12.85 2.95 -10.63
CA THR A 125 14.26 3.23 -10.80
C THR A 125 14.76 4.34 -9.88
N GLY A 126 13.92 4.83 -8.98
CA GLY A 126 14.30 5.86 -8.05
C GLY A 126 14.70 5.30 -6.69
N ASN A 127 15.32 6.16 -5.88
CA ASN A 127 15.77 5.80 -4.55
C ASN A 127 14.74 6.22 -3.52
N PHE A 128 14.51 5.35 -2.54
CA PHE A 128 13.54 5.57 -1.47
C PHE A 128 12.15 5.85 -2.03
N SER A 129 11.75 5.06 -3.03
CA SER A 129 10.46 5.21 -3.69
C SER A 129 9.66 3.92 -3.59
N GLY A 130 8.39 4.00 -4.00
CA GLY A 130 7.49 2.86 -3.89
C GLY A 130 6.32 2.86 -4.84
N ALA A 131 5.92 1.65 -5.27
CA ALA A 131 4.85 1.49 -6.24
C ALA A 131 3.86 0.43 -5.78
N PHE A 132 2.57 0.76 -5.85
CA PHE A 132 1.49 -0.16 -5.48
C PHE A 132 0.42 -0.12 -6.57
N GLY A 133 0.33 -1.20 -7.34
CA GLY A 133 -0.72 -1.24 -8.35
C GLY A 133 -0.37 -1.88 -9.68
N MET A 134 -0.95 -1.35 -10.77
CA MET A 134 -0.85 -1.98 -12.09
C MET A 134 -0.32 -1.02 -13.14
N GLY A 135 0.44 -1.55 -14.09
CA GLY A 135 0.98 -0.83 -15.22
C GLY A 135 0.78 -1.60 -16.52
N GLU A 136 1.81 -1.58 -17.36
CA GLU A 136 1.75 -2.25 -18.65
C GLU A 136 3.15 -2.67 -19.08
N PHE A 137 3.22 -3.72 -19.90
CA PHE A 137 4.49 -4.28 -20.36
C PHE A 137 4.26 -5.04 -21.66
N ASN A 138 4.95 -4.63 -22.72
CA ASN A 138 4.88 -5.29 -24.02
C ASN A 138 6.27 -5.43 -24.63
N GLY A 139 7.24 -5.84 -23.82
CA GLY A 139 8.62 -5.88 -24.26
C GLY A 139 9.46 -4.84 -23.55
N GLN A 140 8.85 -3.69 -23.30
CA GLN A 140 9.45 -2.63 -22.50
C GLN A 140 8.41 -2.06 -21.56
N TYR A 141 8.86 -1.53 -20.43
CA TYR A 141 7.96 -0.91 -19.48
C TYR A 141 7.53 0.47 -19.95
N GLN A 142 6.24 0.74 -19.82
CA GLN A 142 5.68 1.99 -20.37
C GLN A 142 5.28 2.95 -19.25
N TYR A 143 5.35 2.54 -17.98
CA TYR A 143 5.05 3.42 -16.85
C TYR A 143 6.07 3.16 -15.76
N LYS A 144 6.87 4.17 -15.45
CA LYS A 144 7.96 4.04 -14.48
C LYS A 144 7.85 5.13 -13.42
N ASN A 145 8.46 4.85 -12.27
CA ASN A 145 8.61 5.82 -11.18
C ASN A 145 10.09 6.18 -11.10
N GLU A 146 10.45 7.34 -11.65
CA GLU A 146 11.84 7.75 -11.77
C GLU A 146 12.21 8.87 -10.81
N GLY A 147 11.35 9.19 -9.84
CA GLY A 147 11.63 10.22 -8.87
C GLY A 147 12.12 9.66 -7.55
N ASN A 148 12.79 10.51 -6.78
CA ASN A 148 13.29 10.13 -5.46
C ASN A 148 12.31 10.57 -4.39
N ASN A 149 12.10 9.69 -3.41
CA ASN A 149 11.17 9.95 -2.30
C ASN A 149 9.77 10.24 -2.82
N SER A 150 9.32 9.42 -3.77
CA SER A 150 8.00 9.56 -4.37
C SER A 150 7.27 8.23 -4.31
N TYR A 151 5.94 8.29 -4.21
CA TYR A 151 5.14 7.08 -4.07
C TYR A 151 3.93 7.13 -4.99
N MET A 152 3.60 5.97 -5.56
CA MET A 152 2.49 5.87 -6.50
C MET A 152 1.53 4.75 -6.08
N ILE A 153 0.23 5.04 -6.11
CA ILE A 153 -0.81 4.05 -5.82
C ILE A 153 -1.87 4.14 -6.91
N GLY A 154 -1.94 3.12 -7.75
CA GLY A 154 -3.03 3.05 -8.71
C GLY A 154 -2.60 2.34 -10.00
N ASN A 155 -3.14 2.84 -11.11
CA ASN A 155 -2.96 2.24 -12.43
C ASN A 155 -2.44 3.29 -13.41
N LYS A 156 -1.40 2.94 -14.15
CA LYS A 156 -0.89 3.74 -15.27
C LYS A 156 -0.51 5.15 -14.84
N ASN A 157 0.49 5.22 -13.97
CA ASN A 157 1.01 6.49 -13.48
C ASN A 157 2.50 6.61 -13.83
N LYS A 158 2.96 7.86 -13.93
CA LYS A 158 4.33 8.13 -14.34
C LYS A 158 4.88 9.33 -13.57
N ILE A 159 6.14 9.23 -13.17
CA ILE A 159 6.89 10.35 -12.62
C ILE A 159 8.22 10.43 -13.34
N ALA A 160 8.57 11.63 -13.81
CA ALA A 160 9.76 11.81 -14.63
C ALA A 160 11.01 11.90 -13.75
N SER A 161 12.15 12.04 -14.41
CA SER A 161 13.44 12.17 -13.74
C SER A 161 13.69 13.63 -13.43
N GLY A 162 14.14 13.91 -12.20
CA GLY A 162 14.30 15.26 -11.72
C GLY A 162 13.11 15.80 -10.96
N SER A 163 11.99 15.08 -10.94
CA SER A 163 10.82 15.45 -10.18
C SER A 163 10.80 14.61 -8.90
N ASN A 164 11.08 15.26 -7.78
CA ASN A 164 11.27 14.58 -6.50
C ASN A 164 10.18 14.98 -5.52
N ASP A 165 9.98 14.13 -4.52
CA ASP A 165 9.05 14.38 -3.42
C ASP A 165 7.61 14.54 -3.91
N ASN A 166 7.10 13.49 -4.55
CA ASN A 166 5.76 13.49 -5.12
C ASN A 166 4.97 12.29 -4.64
N PHE A 167 3.66 12.47 -4.51
CA PHE A 167 2.75 11.43 -4.06
C PHE A 167 1.53 11.40 -4.98
N ILE A 168 1.22 10.23 -5.52
CA ILE A 168 0.08 10.06 -6.42
C ILE A 168 -0.81 8.96 -5.88
N LEU A 169 -2.11 9.26 -5.77
CA LEU A 169 -3.15 8.30 -5.39
C LEU A 169 -4.24 8.41 -6.45
N GLY A 170 -4.11 7.66 -7.54
CA GLY A 170 -5.09 7.80 -8.62
C GLY A 170 -4.65 7.08 -9.87
N ASN A 171 -5.34 7.41 -10.98
CA ASN A 171 -5.13 6.76 -12.27
C ASN A 171 -4.82 7.80 -13.34
N ASN A 172 -3.93 7.44 -14.26
CA ASN A 172 -3.60 8.25 -15.42
C ASN A 172 -3.11 9.64 -15.04
N VAL A 173 -2.14 9.69 -14.12
CA VAL A 173 -1.50 10.93 -13.70
C VAL A 173 -0.06 10.90 -14.17
N HIS A 174 0.33 11.91 -14.94
CA HIS A 174 1.68 12.01 -15.49
C HIS A 174 2.29 13.32 -15.02
N ILE A 175 3.37 13.24 -14.25
CA ILE A 175 4.07 14.42 -13.75
C ILE A 175 5.30 14.66 -14.61
N GLY A 176 5.46 15.90 -15.09
CA GLY A 176 6.54 16.25 -15.96
C GLY A 176 7.80 16.65 -15.19
N GLY A 177 8.77 17.15 -15.94
CA GLY A 177 10.06 17.51 -15.34
C GLY A 177 10.04 18.90 -14.74
N GLY A 178 10.66 19.03 -13.58
CA GLY A 178 10.73 20.30 -12.88
C GLY A 178 9.67 20.53 -11.83
N ILE A 179 8.93 19.51 -11.42
CA ILE A 179 7.86 19.64 -10.45
C ILE A 179 8.27 18.93 -9.17
N ASN A 180 8.20 19.64 -8.05
CA ASN A 180 8.56 19.09 -6.75
C ASN A 180 7.50 19.47 -5.72
N ASN A 181 7.35 18.62 -4.70
CA ASN A 181 6.45 18.87 -3.57
C ASN A 181 5.01 19.08 -4.04
N SER A 182 4.43 18.04 -4.64
CA SER A 182 3.08 18.11 -5.15
C SER A 182 2.30 16.86 -4.75
N VAL A 183 0.99 17.00 -4.66
CA VAL A 183 0.08 15.90 -4.35
C VAL A 183 -1.05 15.90 -5.37
N ALA A 184 -1.35 14.72 -5.92
CA ALA A 184 -2.41 14.55 -6.90
C ALA A 184 -3.45 13.56 -6.36
N LEU A 185 -4.71 13.96 -6.39
CA LEU A 185 -5.80 13.15 -5.87
C LEU A 185 -6.88 12.99 -6.94
N GLY A 186 -7.30 11.76 -7.17
CA GLY A 186 -8.42 11.46 -8.04
C GLY A 186 -8.00 10.77 -9.32
N ASN A 187 -9.02 10.45 -10.11
CA ASN A 187 -8.84 9.79 -11.40
C ASN A 187 -8.79 10.81 -12.52
N ASN A 188 -7.83 10.65 -13.42
CA ASN A 188 -7.62 11.56 -14.55
C ASN A 188 -7.35 12.98 -14.06
N SER A 189 -6.38 13.11 -13.16
CA SER A 189 -5.98 14.40 -12.61
C SER A 189 -4.65 14.86 -13.22
N THR A 190 -4.41 16.16 -13.12
CA THR A 190 -3.23 16.78 -13.71
C THR A 190 -2.54 17.68 -12.70
N VAL A 191 -1.21 17.70 -12.77
CA VAL A 191 -0.37 18.57 -11.95
C VAL A 191 0.56 19.33 -12.87
N SER A 192 0.66 20.65 -12.68
CA SER A 192 1.46 21.48 -13.58
C SER A 192 2.30 22.52 -12.86
N ALA A 193 2.48 22.40 -11.54
CA ALA A 193 3.26 23.37 -10.80
C ALA A 193 3.75 22.74 -9.51
N SER A 194 4.71 23.41 -8.86
CA SER A 194 5.28 22.95 -7.61
C SER A 194 4.53 23.55 -6.43
N ASN A 195 4.56 22.83 -5.31
CA ASN A 195 3.90 23.23 -4.07
C ASN A 195 2.39 23.44 -4.29
N THR A 196 1.74 22.43 -4.85
CA THR A 196 0.31 22.50 -5.13
C THR A 196 -0.35 21.16 -4.82
N VAL A 197 -1.64 21.21 -4.55
CA VAL A 197 -2.50 20.03 -4.41
C VAL A 197 -3.60 20.15 -5.45
N SER A 198 -3.74 19.12 -6.29
CA SER A 198 -4.69 19.13 -7.40
C SER A 198 -5.76 18.08 -7.16
N VAL A 199 -7.02 18.45 -7.43
CA VAL A 199 -8.14 17.56 -7.21
C VAL A 199 -8.96 17.44 -8.50
N GLY A 200 -8.32 17.63 -9.64
CA GLY A 200 -9.02 17.54 -10.91
C GLY A 200 -8.13 18.01 -12.05
N SER A 201 -8.78 18.29 -13.17
CA SER A 201 -8.09 18.77 -14.36
C SER A 201 -8.74 20.02 -14.91
N SER A 202 -8.29 20.48 -16.08
CA SER A 202 -8.86 21.69 -16.69
C SER A 202 -10.14 21.42 -17.45
N THR A 203 -10.52 20.17 -17.62
CA THR A 203 -11.77 19.79 -18.28
C THR A 203 -12.83 19.30 -17.30
N LEU A 204 -12.44 18.63 -16.22
CA LEU A 204 -13.35 18.16 -15.20
C LEU A 204 -12.85 18.64 -13.85
N LYS A 205 -13.74 19.23 -13.05
CA LYS A 205 -13.40 19.79 -11.76
C LYS A 205 -14.26 19.13 -10.68
N ARG A 206 -13.69 19.02 -9.49
CA ARG A 206 -14.35 18.36 -8.36
C ARG A 206 -14.71 19.37 -7.28
N LYS A 207 -15.65 18.97 -6.43
CA LYS A 207 -16.10 19.77 -5.30
C LYS A 207 -15.64 19.14 -4.00
N ILE A 208 -15.28 19.99 -3.04
CA ILE A 208 -14.90 19.53 -1.71
C ILE A 208 -16.07 19.79 -0.77
N VAL A 209 -16.55 18.73 -0.13
CA VAL A 209 -17.78 18.79 0.66
C VAL A 209 -17.46 18.41 2.10
N ASN A 210 -18.38 18.78 3.00
CA ASN A 210 -18.30 18.45 4.42
C ASN A 210 -17.06 19.08 5.06
N VAL A 211 -16.95 20.41 4.93
CA VAL A 211 -15.82 21.17 5.42
C VAL A 211 -16.27 22.04 6.58
N GLY A 212 -15.51 22.03 7.67
CA GLY A 212 -15.84 22.85 8.81
C GLY A 212 -15.50 24.31 8.60
N ASP A 213 -16.06 25.15 9.47
CA ASP A 213 -15.88 26.59 9.35
C ASP A 213 -14.47 27.00 9.74
N GLY A 214 -13.90 27.91 8.97
CA GLY A 214 -12.59 28.46 9.25
C GLY A 214 -12.67 29.64 10.20
N ALA A 215 -11.55 30.35 10.29
CA ALA A 215 -11.44 31.54 11.12
C ALA A 215 -11.22 32.75 10.23
N ILE A 216 -12.01 33.80 10.46
CA ILE A 216 -11.91 35.03 9.69
C ILE A 216 -11.14 36.03 10.55
N SER A 217 -9.85 36.17 10.25
CA SER A 217 -8.97 37.06 11.01
C SER A 217 -7.89 37.58 10.07
N ALA A 218 -7.01 38.43 10.62
CA ALA A 218 -5.98 39.08 9.80
C ALA A 218 -5.01 38.07 9.22
N ASN A 219 -4.61 37.08 10.02
CA ASN A 219 -3.67 36.05 9.60
C ASN A 219 -4.27 34.66 9.87
N SER A 220 -5.07 34.19 8.92
CA SER A 220 -5.78 32.92 9.06
C SER A 220 -5.71 32.17 7.74
N SER A 221 -4.96 31.08 7.71
CA SER A 221 -4.83 30.25 6.52
C SER A 221 -5.74 29.02 6.63
N ASP A 222 -7.06 29.28 6.61
CA ASP A 222 -8.06 28.23 6.68
C ASP A 222 -9.06 28.43 5.54
N ALA A 223 -9.64 27.32 5.09
CA ALA A 223 -10.61 27.37 4.01
C ALA A 223 -11.92 28.01 4.47
N VAL A 224 -12.65 28.56 3.52
CA VAL A 224 -13.89 29.29 3.77
C VAL A 224 -15.04 28.53 3.13
N THR A 225 -16.13 28.37 3.87
CA THR A 225 -17.31 27.66 3.39
C THR A 225 -18.33 28.63 2.81
N GLY A 226 -19.37 28.07 2.19
CA GLY A 226 -20.36 28.88 1.52
C GLY A 226 -21.19 29.73 2.47
N ARG A 227 -21.50 29.19 3.66
CA ARG A 227 -22.30 29.93 4.63
C ARG A 227 -21.59 31.21 5.09
N GLN A 228 -20.25 31.16 5.18
CA GLN A 228 -19.51 32.33 5.64
C GLN A 228 -19.56 33.46 4.61
N LEU A 229 -19.50 33.11 3.33
CA LEU A 229 -19.67 34.13 2.29
C LEU A 229 -21.11 34.60 2.22
N TYR A 230 -22.08 33.71 2.48
CA TYR A 230 -23.48 34.11 2.47
C TYR A 230 -23.79 35.11 3.57
N SER A 231 -23.26 34.89 4.79
CA SER A 231 -23.63 35.73 5.91
C SER A 231 -22.73 36.96 6.02
N GLY A 232 -21.42 36.76 5.90
CA GLY A 232 -20.47 37.86 5.99
C GLY A 232 -20.03 38.23 7.38
N ASN A 233 -20.16 37.33 8.35
CA ASN A 233 -19.79 37.64 9.73
C ASN A 233 -18.28 37.66 9.89
N GLY A 234 -17.79 38.63 10.66
CA GLY A 234 -16.39 38.66 11.04
C GLY A 234 -15.45 39.38 10.09
N ILE A 235 -15.95 40.24 9.22
CA ILE A 235 -15.11 40.93 8.25
C ILE A 235 -14.72 42.31 8.78
N ASP A 236 -13.70 42.88 8.16
CA ASP A 236 -13.24 44.22 8.53
C ASP A 236 -14.16 45.25 7.88
N THR A 237 -14.95 45.93 8.71
CA THR A 237 -15.92 46.89 8.19
C THR A 237 -15.24 48.08 7.53
N ALA A 238 -14.16 48.59 8.12
CA ALA A 238 -13.51 49.78 7.58
C ALA A 238 -12.87 49.52 6.23
N ALA A 239 -12.23 48.35 6.07
CA ALA A 239 -11.59 48.02 4.80
C ALA A 239 -12.62 47.91 3.67
N TRP A 240 -13.76 47.30 3.94
CA TRP A 240 -14.79 47.21 2.92
C TRP A 240 -15.49 48.56 2.70
N GLN A 241 -15.55 49.40 3.73
CA GLN A 241 -16.20 50.70 3.60
C GLN A 241 -15.34 51.70 2.84
N ASN A 242 -14.02 51.55 2.87
CA ASN A 242 -13.18 52.41 2.05
C ASN A 242 -12.76 51.78 0.73
N LYS A 243 -12.92 50.45 0.60
CA LYS A 243 -12.75 49.81 -0.71
C LYS A 243 -13.93 50.14 -1.62
N LEU A 244 -15.15 50.04 -1.10
CA LEU A 244 -16.35 50.45 -1.80
C LEU A 244 -16.83 51.75 -1.19
N ASN A 245 -16.87 52.82 -1.98
CA ASN A 245 -17.21 54.13 -1.44
C ASN A 245 -18.66 54.12 -0.96
N VAL A 246 -18.84 54.11 0.36
CA VAL A 246 -20.16 54.02 0.97
C VAL A 246 -20.43 55.31 1.74
N THR A 247 -21.64 55.84 1.60
CA THR A 247 -22.10 56.96 2.41
C THR A 247 -22.89 56.39 3.58
N ARG A 248 -22.34 56.52 4.78
CA ARG A 248 -22.91 55.88 5.96
C ARG A 248 -24.20 56.57 6.39
N LYS A 249 -25.15 55.76 6.88
CA LYS A 249 -26.49 56.27 7.16
C LYS A 249 -26.47 57.33 8.25
N ASN A 250 -25.64 57.15 9.28
CA ASN A 250 -25.56 58.14 10.35
C ASN A 250 -25.02 59.47 9.85
N ASP A 251 -24.15 59.44 8.84
CA ASP A 251 -23.65 60.66 8.21
C ASP A 251 -24.58 61.18 7.13
N TYR A 252 -25.62 60.44 6.77
CA TYR A 252 -26.61 60.89 5.81
C TYR A 252 -27.82 61.52 6.47
N LYS A 253 -28.26 60.97 7.61
CA LYS A 253 -29.35 61.59 8.35
C LYS A 253 -28.95 62.97 8.86
N ASP A 254 -27.71 63.09 9.36
CA ASP A 254 -27.14 64.37 9.78
C ASP A 254 -26.17 64.80 8.71
N ALA A 255 -26.47 65.90 8.02
CA ALA A 255 -25.68 66.33 6.88
C ALA A 255 -24.23 66.57 7.29
N ASN A 256 -23.33 65.73 6.78
CA ASN A 256 -21.91 65.84 7.07
C ASN A 256 -21.11 65.69 5.79
N ASP A 257 -19.99 66.41 5.71
CA ASP A 257 -19.04 66.31 4.60
C ASP A 257 -19.69 66.59 3.26
N ILE A 258 -20.49 67.66 3.19
CA ILE A 258 -21.13 68.09 1.96
C ILE A 258 -20.49 69.39 1.50
N ASP A 259 -20.45 69.58 0.18
CA ASP A 259 -20.02 70.84 -0.41
C ASP A 259 -21.23 71.75 -0.49
N VAL A 260 -21.24 72.77 0.37
CA VAL A 260 -22.45 73.57 0.59
C VAL A 260 -22.85 74.33 -0.67
N ASN A 261 -21.87 74.93 -1.37
CA ASN A 261 -22.20 75.78 -2.50
C ASN A 261 -22.88 74.99 -3.62
N LYS A 262 -22.42 73.77 -3.87
CA LYS A 262 -23.04 72.96 -4.92
C LYS A 262 -24.46 72.56 -4.56
N TRP A 263 -24.77 72.40 -3.28
CA TRP A 263 -26.13 72.11 -2.85
C TRP A 263 -27.01 73.37 -2.91
N LYS A 264 -26.40 74.54 -2.73
CA LYS A 264 -27.10 75.80 -2.98
C LYS A 264 -27.57 75.91 -4.43
N ALA A 265 -26.70 75.58 -5.37
CA ALA A 265 -27.00 75.76 -6.79
C ALA A 265 -28.20 74.93 -7.23
N LYS A 266 -28.10 73.61 -7.09
CA LYS A 266 -29.14 72.71 -7.58
C LYS A 266 -30.46 72.92 -6.86
N LEU A 267 -30.40 73.10 -5.54
CA LEU A 267 -31.62 73.31 -4.76
C LEU A 267 -32.03 74.78 -4.79
N GLN B 2 11.13 -22.19 -37.75
CA GLN B 2 11.97 -21.05 -37.40
C GLN B 2 11.27 -19.74 -37.76
N LEU B 3 11.29 -18.79 -36.81
CA LEU B 3 10.66 -17.50 -37.02
C LEU B 3 11.38 -16.74 -38.14
N THR B 4 10.60 -16.25 -39.11
CA THR B 4 11.17 -15.57 -40.27
C THR B 4 10.45 -14.26 -40.53
N THR B 5 11.20 -13.30 -41.09
CA THR B 5 10.66 -11.99 -41.46
C THR B 5 10.91 -11.74 -42.93
N GLU B 6 9.92 -11.21 -43.63
CA GLU B 6 10.00 -10.96 -45.06
C GLU B 6 9.60 -9.52 -45.37
N SER B 7 10.42 -8.85 -46.17
CA SER B 7 10.13 -7.49 -46.60
C SER B 7 9.51 -7.49 -47.98
N MET B 8 8.58 -6.56 -48.21
CA MET B 8 7.93 -6.50 -49.51
C MET B 8 7.57 -5.07 -49.88
N PRO B 9 8.19 -4.50 -50.92
CA PRO B 9 9.29 -5.05 -51.73
C PRO B 9 10.66 -4.79 -51.10
N PHE B 10 11.69 -5.53 -51.51
CA PHE B 10 13.03 -5.29 -50.97
C PHE B 10 13.55 -3.92 -51.38
N ASN B 11 13.36 -3.54 -52.64
CA ASN B 11 13.74 -2.23 -53.14
C ASN B 11 12.49 -1.41 -53.36
N VAL B 12 12.44 -0.22 -52.76
CA VAL B 12 11.23 0.60 -52.73
C VAL B 12 11.60 2.01 -53.20
N ALA B 13 10.58 2.74 -53.66
CA ALA B 13 10.77 4.10 -54.15
C ALA B 13 10.90 5.08 -52.99
N GLU B 14 10.81 6.38 -53.29
CA GLU B 14 11.08 7.41 -52.30
C GLU B 14 9.78 7.90 -51.68
N GLY B 15 8.66 7.34 -52.12
CA GLY B 15 7.37 7.78 -51.59
C GLY B 15 6.34 6.68 -51.42
N LYS B 16 6.76 5.43 -51.58
CA LYS B 16 5.82 4.31 -51.51
C LYS B 16 5.72 3.74 -50.10
N GLU B 17 5.07 2.59 -49.97
CA GLU B 17 4.86 1.94 -48.68
C GLU B 17 5.73 0.70 -48.60
N VAL B 18 6.20 0.41 -47.38
CA VAL B 18 7.02 -0.78 -47.13
C VAL B 18 6.30 -1.63 -46.08
N LEU B 19 6.17 -2.92 -46.36
CA LEU B 19 5.46 -3.85 -45.48
C LEU B 19 6.38 -4.99 -45.07
N LEU B 20 6.46 -5.22 -43.76
CA LEU B 20 7.26 -6.31 -43.20
C LEU B 20 6.32 -7.33 -42.56
N LEU B 21 6.43 -8.58 -43.01
CA LEU B 21 5.57 -9.67 -42.59
C LEU B 21 6.39 -10.70 -41.81
N VAL B 22 5.67 -11.53 -41.04
CA VAL B 22 6.28 -12.54 -40.19
C VAL B 22 5.68 -13.90 -40.51
N HIS B 23 6.54 -14.90 -40.69
CA HIS B 23 6.13 -16.27 -40.93
C HIS B 23 6.66 -17.18 -39.81
N ASN B 24 5.87 -18.21 -39.51
CA ASN B 24 6.17 -19.18 -38.45
C ASN B 24 6.18 -18.51 -37.08
N LEU B 25 5.13 -17.76 -36.78
CA LEU B 25 4.97 -17.10 -35.49
C LEU B 25 4.49 -18.11 -34.46
N PRO B 26 5.17 -18.25 -33.31
CA PRO B 26 4.73 -19.22 -32.32
C PRO B 26 3.37 -18.88 -31.72
N GLN B 27 2.69 -19.91 -31.23
CA GLN B 27 1.41 -19.73 -30.57
C GLN B 27 1.60 -19.44 -29.09
N GLN B 28 0.51 -18.98 -28.45
CA GLN B 28 0.47 -18.72 -27.01
C GLN B 28 1.55 -17.69 -26.62
N LEU B 29 1.37 -16.48 -27.15
CA LEU B 29 2.31 -15.39 -26.97
C LEU B 29 1.80 -14.42 -25.90
N PHE B 30 2.59 -13.37 -25.65
CA PHE B 30 2.28 -12.35 -24.68
C PHE B 30 2.34 -10.93 -25.25
N GLY B 31 3.23 -10.67 -26.20
CA GLY B 31 3.30 -9.36 -26.83
C GLY B 31 4.41 -9.32 -27.87
N TYR B 32 4.44 -8.23 -28.61
CA TYR B 32 5.44 -8.00 -29.64
C TYR B 32 6.10 -6.65 -29.39
N SER B 33 7.22 -6.42 -30.09
CA SER B 33 7.94 -5.13 -30.01
C SER B 33 8.89 -4.97 -31.20
N TRP B 34 8.86 -3.83 -31.88
CA TRP B 34 9.69 -3.56 -33.04
C TRP B 34 10.76 -2.53 -32.66
N TYR B 35 12.00 -2.80 -33.08
CA TYR B 35 13.12 -1.93 -32.80
C TYR B 35 13.78 -1.49 -34.10
N LYS B 36 14.73 -0.57 -33.96
CA LYS B 36 15.53 -0.06 -35.08
C LYS B 36 16.97 -0.51 -34.90
N GLY B 37 17.53 -1.17 -35.91
CA GLY B 37 18.90 -1.62 -35.85
C GLY B 37 19.04 -3.13 -35.72
N GLU B 38 20.03 -3.56 -34.94
CA GLU B 38 20.31 -4.98 -34.77
C GLU B 38 20.15 -5.48 -33.33
N ARG B 39 20.07 -4.57 -32.36
CA ARG B 39 20.02 -4.94 -30.96
C ARG B 39 18.71 -4.43 -30.33
N VAL B 40 18.27 -5.13 -29.30
CA VAL B 40 17.10 -4.70 -28.53
C VAL B 40 17.55 -3.63 -27.55
N ASP B 41 17.06 -2.41 -27.74
CA ASP B 41 17.46 -1.27 -26.95
C ASP B 41 16.23 -0.49 -26.50
N GLY B 42 16.28 0.05 -25.28
CA GLY B 42 15.15 0.78 -24.76
C GLY B 42 14.88 2.07 -25.50
N ASN B 43 15.94 2.78 -25.89
CA ASN B 43 15.80 4.07 -26.53
C ASN B 43 15.53 3.99 -28.03
N ARG B 44 15.47 2.79 -28.60
CA ARG B 44 15.32 2.61 -30.04
C ARG B 44 14.15 1.67 -30.34
N GLN B 45 13.02 1.93 -29.69
CA GLN B 45 11.80 1.17 -29.90
C GLN B 45 10.79 1.99 -30.69
N ILE B 46 10.14 1.36 -31.66
CA ILE B 46 9.19 2.06 -32.52
C ILE B 46 7.78 1.92 -31.97
N VAL B 47 7.31 0.67 -31.83
CA VAL B 47 5.94 0.40 -31.41
C VAL B 47 5.91 -0.98 -30.75
N GLY B 48 4.94 -1.16 -29.86
CA GLY B 48 4.77 -2.45 -29.19
C GLY B 48 3.31 -2.77 -29.03
N TYR B 49 3.02 -4.06 -28.88
CA TYR B 49 1.66 -4.55 -28.77
C TYR B 49 1.53 -5.51 -27.60
N ALA B 50 0.41 -5.41 -26.89
CA ALA B 50 0.10 -6.27 -25.75
C ALA B 50 -1.20 -7.02 -26.04
N ILE B 51 -1.16 -8.34 -25.86
CA ILE B 51 -2.30 -9.18 -26.18
C ILE B 51 -3.29 -9.26 -25.03
N GLY B 52 -2.80 -9.13 -23.79
CA GLY B 52 -3.69 -9.21 -22.64
C GLY B 52 -4.75 -8.14 -22.64
N THR B 53 -4.38 -6.92 -22.98
CA THR B 53 -5.31 -5.80 -23.05
C THR B 53 -5.63 -5.38 -24.49
N GLN B 54 -5.05 -6.04 -25.48
CA GLN B 54 -5.23 -5.69 -26.89
C GLN B 54 -4.90 -4.22 -27.13
N GLN B 55 -3.66 -3.86 -26.82
CA GLN B 55 -3.25 -2.45 -26.82
C GLN B 55 -2.00 -2.27 -27.66
N ALA B 56 -1.89 -1.13 -28.33
CA ALA B 56 -0.72 -0.77 -29.12
C ALA B 56 -0.19 0.57 -28.63
N THR B 57 1.10 0.65 -28.34
CA THR B 57 1.66 1.90 -27.78
C THR B 57 2.97 2.23 -28.47
N PRO B 58 3.12 3.44 -29.03
CA PRO B 58 4.35 3.87 -29.70
C PRO B 58 5.50 4.04 -28.72
N GLY B 59 6.72 4.03 -29.27
CA GLY B 59 7.91 4.13 -28.48
C GLY B 59 8.69 5.42 -28.72
N PRO B 60 9.84 5.55 -28.08
CA PRO B 60 10.62 6.78 -28.21
C PRO B 60 11.08 7.11 -29.63
N ALA B 61 11.26 6.10 -30.48
CA ALA B 61 11.79 6.29 -31.82
C ALA B 61 10.68 6.27 -32.87
N ASN B 62 9.53 6.84 -32.54
CA ASN B 62 8.39 6.89 -33.45
C ASN B 62 8.27 8.30 -34.03
N SER B 63 8.02 8.35 -35.35
CA SER B 63 7.84 9.62 -36.05
C SER B 63 6.40 9.90 -36.43
N GLY B 64 5.57 8.87 -36.56
CA GLY B 64 4.19 9.04 -36.94
C GLY B 64 3.84 8.36 -38.24
N ARG B 65 4.78 7.55 -38.76
CA ARG B 65 4.60 6.88 -40.03
C ARG B 65 4.62 5.37 -39.93
N GLU B 66 4.74 4.81 -38.72
CA GLU B 66 4.85 3.37 -38.52
C GLU B 66 3.57 2.84 -37.88
N THR B 67 3.02 1.77 -38.44
CA THR B 67 1.80 1.16 -37.94
C THR B 67 2.02 -0.33 -37.73
N ILE B 68 1.49 -0.85 -36.62
CA ILE B 68 1.58 -2.26 -36.29
C ILE B 68 0.23 -2.91 -36.50
N TYR B 69 0.25 -4.19 -36.90
CA TYR B 69 -0.97 -4.95 -37.09
C TYR B 69 -0.97 -6.15 -36.16
N PRO B 70 -2.16 -6.67 -35.78
CA PRO B 70 -2.21 -7.77 -34.82
C PRO B 70 -1.84 -9.12 -35.41
N ASN B 71 -0.80 -9.15 -36.23
CA ASN B 71 -0.18 -10.39 -36.69
C ASN B 71 1.34 -10.24 -36.76
N ALA B 72 1.89 -9.32 -35.97
CA ALA B 72 3.31 -8.97 -36.00
C ALA B 72 3.73 -8.52 -37.41
N SER B 73 3.01 -7.52 -37.91
CA SER B 73 3.28 -6.95 -39.23
C SER B 73 3.45 -5.46 -39.10
N LEU B 74 4.43 -4.92 -39.83
CA LEU B 74 4.78 -3.51 -39.75
C LEU B 74 4.56 -2.83 -41.09
N LEU B 75 3.98 -1.63 -41.06
CA LEU B 75 3.76 -0.82 -42.25
C LEU B 75 4.44 0.53 -42.07
N ILE B 76 5.24 0.94 -43.05
CA ILE B 76 5.92 2.23 -43.04
C ILE B 76 5.52 3.00 -44.29
N GLN B 77 5.15 4.26 -44.13
CA GLN B 77 4.69 5.11 -45.22
C GLN B 77 5.61 6.32 -45.37
N ASN B 78 5.73 6.80 -46.61
CA ASN B 78 6.54 7.96 -46.95
C ASN B 78 7.99 7.80 -46.47
N VAL B 79 8.65 6.78 -47.02
CA VAL B 79 10.00 6.46 -46.60
C VAL B 79 10.98 7.46 -47.19
N THR B 80 12.09 7.66 -46.48
CA THR B 80 13.16 8.54 -46.96
C THR B 80 14.47 7.78 -47.02
N GLN B 81 15.57 8.48 -47.29
CA GLN B 81 16.87 7.83 -47.38
C GLN B 81 17.48 7.54 -46.01
N ASN B 82 16.89 8.05 -44.93
CA ASN B 82 17.36 7.77 -43.59
C ASN B 82 16.66 6.58 -42.96
N ASP B 83 15.72 5.95 -43.67
CA ASP B 83 14.97 4.81 -43.16
C ASP B 83 15.49 3.48 -43.70
N THR B 84 16.67 3.49 -44.33
CA THR B 84 17.22 2.29 -44.94
C THR B 84 18.10 1.54 -43.97
N GLY B 85 17.96 0.21 -43.96
CA GLY B 85 18.83 -0.63 -43.15
C GLY B 85 18.17 -1.83 -42.51
N PHE B 86 18.49 -2.05 -41.24
CA PHE B 86 18.12 -3.24 -40.49
C PHE B 86 17.02 -2.94 -39.48
N TYR B 87 16.26 -3.98 -39.13
CA TYR B 87 15.21 -3.88 -38.13
C TYR B 87 15.15 -5.19 -37.35
N THR B 88 14.74 -5.08 -36.08
CA THR B 88 14.73 -6.22 -35.17
C THR B 88 13.34 -6.37 -34.55
N LEU B 89 12.91 -7.63 -34.39
CA LEU B 89 11.62 -7.97 -33.81
C LEU B 89 11.83 -8.88 -32.61
N GLN B 90 11.18 -8.55 -31.50
CA GLN B 90 11.22 -9.34 -30.28
C GLN B 90 9.83 -9.88 -29.98
N VAL B 91 9.75 -11.16 -29.66
CA VAL B 91 8.50 -11.85 -29.35
C VAL B 91 8.61 -12.43 -27.96
N ILE B 92 7.66 -12.07 -27.08
CA ILE B 92 7.63 -12.58 -25.67
C ILE B 92 6.55 -13.66 -25.60
N LYS B 93 6.86 -14.81 -25.04
CA LYS B 93 5.91 -15.96 -25.03
C LYS B 93 5.11 -15.98 -23.73
N SER B 94 4.30 -17.03 -23.52
CA SER B 94 3.44 -17.12 -22.32
C SER B 94 4.24 -17.62 -21.11
N ASP B 95 5.48 -18.02 -21.32
CA ASP B 95 6.34 -18.53 -20.22
C ASP B 95 7.38 -17.47 -19.87
N LEU B 96 7.30 -16.29 -20.48
CA LEU B 96 8.23 -15.17 -20.21
C LEU B 96 9.59 -15.41 -20.86
N VAL B 97 9.65 -16.26 -21.89
CA VAL B 97 10.93 -16.48 -22.64
C VAL B 97 10.89 -15.59 -23.88
N ASN B 98 12.04 -15.29 -24.50
CA ASN B 98 12.06 -14.31 -25.62
C ASN B 98 12.59 -14.90 -26.93
N GLU B 99 12.21 -14.30 -28.06
CA GLU B 99 12.65 -14.70 -29.38
C GLU B 99 12.97 -13.45 -30.19
N GLU B 100 13.94 -13.57 -31.10
CA GLU B 100 14.41 -12.43 -31.88
C GLU B 100 14.45 -12.78 -33.36
N ALA B 101 14.18 -11.79 -34.20
CA ALA B 101 14.25 -11.93 -35.64
C ALA B 101 14.76 -10.63 -36.25
N THR B 102 15.30 -10.73 -37.46
CA THR B 102 15.94 -9.58 -38.11
C THR B 102 15.47 -9.47 -39.56
N GLY B 103 15.14 -8.24 -39.97
CA GLY B 103 14.80 -7.96 -41.35
C GLY B 103 15.60 -6.79 -41.87
N GLN B 104 15.52 -6.58 -43.18
CA GLN B 104 16.35 -5.57 -43.83
C GLN B 104 15.67 -5.06 -45.09
N PHE B 105 15.88 -3.78 -45.40
CA PHE B 105 15.46 -3.25 -46.69
C PHE B 105 16.22 -1.96 -46.98
N HIS B 106 16.44 -1.70 -48.28
CA HIS B 106 17.22 -0.56 -48.75
C HIS B 106 16.37 0.28 -49.70
N VAL B 107 16.45 1.59 -49.56
CA VAL B 107 15.66 2.52 -50.36
C VAL B 107 16.54 3.21 -51.38
N TYR B 108 16.05 3.33 -52.62
CA TYR B 108 16.79 4.02 -53.67
C TYR B 108 16.08 5.31 -54.09
N SER C 5 30.63 -35.82 8.73
CA SER C 5 29.91 -37.07 8.64
C SER C 5 29.27 -37.23 7.25
N ALA C 6 29.14 -38.48 6.81
CA ALA C 6 28.54 -38.76 5.52
C ALA C 6 27.02 -38.54 5.59
N PRO C 7 26.41 -38.14 4.47
CA PRO C 7 24.96 -37.96 4.46
C PRO C 7 24.24 -39.28 4.67
N VAL C 8 23.06 -39.20 5.30
CA VAL C 8 22.30 -40.39 5.64
C VAL C 8 20.84 -40.18 5.25
N PHE C 9 20.22 -41.24 4.71
CA PHE C 9 18.85 -41.21 4.21
C PHE C 9 18.07 -42.34 4.89
N GLN C 10 17.38 -42.03 5.97
CA GLN C 10 16.69 -43.04 6.76
C GLN C 10 15.55 -42.38 7.53
N ALA C 11 15.00 -43.11 8.50
CA ALA C 11 13.93 -42.62 9.35
C ALA C 11 14.49 -41.90 10.56
N GLY C 12 13.62 -41.14 11.22
CA GLY C 12 13.98 -40.40 12.40
C GLY C 12 13.55 -41.09 13.69
N THR C 13 13.50 -40.31 14.77
CA THR C 13 13.11 -40.82 16.07
C THR C 13 11.61 -40.76 16.33
N GLY C 14 10.84 -40.14 15.43
CA GLY C 14 9.41 -40.10 15.56
C GLY C 14 8.74 -41.14 14.68
N THR C 15 7.41 -41.13 14.73
CA THR C 15 6.60 -42.04 13.93
C THR C 15 6.38 -41.43 12.55
N ASP C 16 6.81 -42.15 11.50
CA ASP C 16 6.65 -41.72 10.12
C ASP C 16 7.36 -40.39 9.85
N SER C 17 8.60 -40.29 10.33
CA SER C 17 9.42 -39.10 10.16
C SER C 17 10.58 -39.39 9.21
N THR C 18 11.16 -38.33 8.67
CA THR C 18 12.20 -38.48 7.66
C THR C 18 13.26 -37.39 7.80
N VAL C 19 14.52 -37.82 7.73
CA VAL C 19 15.67 -36.93 7.73
C VAL C 19 16.48 -37.21 6.47
N ALA C 20 16.90 -36.16 5.78
CA ALA C 20 17.64 -36.30 4.51
C ALA C 20 18.72 -35.23 4.44
N GLY C 21 19.97 -35.63 4.63
CA GLY C 21 21.09 -34.73 4.54
C GLY C 21 22.19 -35.15 5.50
N VAL C 22 22.78 -34.14 6.15
CA VAL C 22 23.89 -34.32 7.08
C VAL C 22 23.47 -33.80 8.45
N ASN C 23 23.55 -34.67 9.46
CA ASN C 23 23.31 -34.31 10.86
C ASN C 23 21.93 -33.67 11.06
N ASN C 24 20.91 -34.31 10.53
CA ASN C 24 19.54 -33.90 10.70
C ASN C 24 18.88 -34.74 11.79
N GLU C 25 17.84 -34.18 12.41
CA GLU C 25 17.08 -34.91 13.42
C GLU C 25 15.63 -34.47 13.38
N ALA C 26 14.72 -35.44 13.21
CA ALA C 26 13.29 -35.21 13.25
C ALA C 26 12.70 -35.97 14.42
N ASN C 27 12.05 -35.25 15.34
CA ASN C 27 11.57 -35.83 16.58
C ASN C 27 10.05 -35.92 16.68
N GLY C 28 9.31 -35.24 15.81
CA GLY C 28 7.87 -35.25 15.87
C GLY C 28 7.25 -36.35 15.01
N GLU C 29 5.92 -36.44 15.11
CA GLU C 29 5.17 -37.40 14.32
C GLU C 29 4.87 -36.81 12.95
N LYS C 30 5.29 -37.52 11.89
CA LYS C 30 5.15 -37.07 10.51
C LYS C 30 5.84 -35.72 10.30
N SER C 31 7.16 -35.72 10.54
CA SER C 31 7.99 -34.54 10.42
C SER C 31 9.06 -34.77 9.36
N SER C 32 9.58 -33.67 8.81
CA SER C 32 10.53 -33.73 7.72
C SER C 32 11.67 -32.74 7.94
N ALA C 33 12.90 -33.23 7.85
CA ALA C 33 14.10 -32.40 7.98
C ALA C 33 15.01 -32.65 6.79
N PHE C 34 14.99 -31.75 5.81
CA PHE C 34 15.77 -31.91 4.58
C PHE C 34 16.77 -30.78 4.46
N GLY C 35 18.05 -31.13 4.24
CA GLY C 35 19.08 -30.14 4.04
C GLY C 35 20.32 -30.37 4.87
N TYR C 36 20.86 -29.30 5.46
CA TYR C 36 22.06 -29.40 6.28
C TYR C 36 21.72 -29.00 7.72
N GLU C 37 21.75 -29.98 8.62
CA GLU C 37 21.66 -29.77 10.07
C GLU C 37 20.39 -29.01 10.45
N ASN C 38 19.26 -29.57 10.07
CA ASN C 38 17.94 -29.02 10.36
C ASN C 38 17.33 -29.74 11.55
N LYS C 39 16.31 -29.12 12.13
CA LYS C 39 15.66 -29.61 13.35
C LYS C 39 14.15 -29.40 13.25
N ALA C 40 13.40 -30.51 13.22
CA ALA C 40 11.94 -30.49 13.31
C ALA C 40 11.56 -31.20 14.60
N LYS C 41 10.79 -30.52 15.46
CA LYS C 41 10.58 -30.97 16.82
C LYS C 41 9.12 -31.15 17.22
N GLU C 42 8.18 -30.94 16.31
CA GLU C 42 6.77 -31.02 16.67
C GLU C 42 6.01 -31.81 15.62
N LYS C 43 4.69 -31.80 15.72
CA LYS C 43 3.83 -32.59 14.86
C LYS C 43 3.54 -31.84 13.56
N LEU C 44 3.78 -32.51 12.44
CA LEU C 44 3.51 -31.97 11.11
C LEU C 44 4.32 -30.69 10.84
N SER C 45 5.62 -30.77 11.12
CA SER C 45 6.51 -29.63 10.96
C SER C 45 7.56 -29.93 9.89
N SER C 46 8.00 -28.89 9.18
CA SER C 46 8.90 -29.03 8.05
C SER C 46 10.05 -28.05 8.15
N ALA C 47 11.27 -28.56 7.99
CA ALA C 47 12.49 -27.75 8.02
C ALA C 47 13.30 -28.06 6.76
N PHE C 48 13.37 -27.10 5.84
CA PHE C 48 14.04 -27.31 4.56
C PHE C 48 15.10 -26.22 4.36
N GLY C 49 16.35 -26.67 4.16
CA GLY C 49 17.42 -25.74 3.82
C GLY C 49 18.68 -25.85 4.65
N TYR C 50 19.07 -24.75 5.31
CA TYR C 50 20.30 -24.71 6.08
C TYR C 50 20.01 -24.21 7.49
N LYS C 51 20.17 -25.10 8.48
CA LYS C 51 20.06 -24.77 9.89
C LYS C 51 18.74 -24.06 10.22
N ASN C 52 17.64 -24.79 10.00
CA ASN C 52 16.30 -24.29 10.25
C ASN C 52 15.68 -25.02 11.42
N ILE C 53 14.93 -24.30 12.25
CA ILE C 53 14.29 -24.85 13.43
C ILE C 53 12.79 -24.60 13.33
N ALA C 54 12.01 -25.66 13.55
CA ALA C 54 10.55 -25.59 13.57
C ALA C 54 10.07 -26.18 14.89
N ASN C 55 9.61 -25.32 15.80
CA ASN C 55 9.20 -25.75 17.13
C ASN C 55 7.70 -25.73 17.34
N GLY C 56 6.93 -25.23 16.38
CA GLY C 56 5.49 -25.16 16.55
C GLY C 56 4.74 -26.24 15.79
N ILE C 57 3.49 -26.48 16.17
CA ILE C 57 2.67 -27.45 15.46
C ILE C 57 2.26 -26.88 14.11
N GLU C 58 2.55 -27.63 13.05
CA GLU C 58 2.28 -27.20 11.68
C GLU C 58 2.99 -25.88 11.35
N GLY C 59 4.27 -25.83 11.68
CA GLY C 59 5.12 -24.69 11.37
C GLY C 59 6.14 -25.06 10.30
N SER C 60 6.43 -24.10 9.43
CA SER C 60 7.29 -24.33 8.28
C SER C 60 8.45 -23.34 8.27
N ALA C 61 9.67 -23.86 8.11
CA ALA C 61 10.86 -23.05 7.95
C ALA C 61 11.53 -23.42 6.64
N PHE C 62 11.67 -22.45 5.74
CA PHE C 62 12.22 -22.71 4.41
C PHE C 62 13.27 -21.65 4.08
N GLY C 63 14.52 -22.09 3.94
CA GLY C 63 15.60 -21.19 3.57
C GLY C 63 16.85 -21.30 4.40
N ILE C 64 17.35 -20.18 4.91
CA ILE C 64 18.60 -20.13 5.66
C ILE C 64 18.36 -19.52 7.03
N SER C 65 18.58 -20.32 8.07
CA SER C 65 18.56 -19.88 9.46
C SER C 65 17.24 -19.20 9.83
N ASN C 66 16.15 -19.95 9.71
CA ASN C 66 14.81 -19.47 10.00
C ASN C 66 14.27 -20.15 11.25
N LEU C 67 13.37 -19.46 11.95
CA LEU C 67 12.73 -19.97 13.16
C LEU C 67 11.22 -19.83 13.03
N ALA C 68 10.50 -20.90 13.31
CA ALA C 68 9.04 -20.92 13.29
C ALA C 68 8.56 -21.51 14.61
N LYS C 69 8.14 -20.65 15.53
CA LYS C 69 7.80 -21.07 16.89
C LYS C 69 6.31 -21.20 17.14
N GLY C 70 5.48 -20.41 16.46
CA GLY C 70 4.05 -20.43 16.70
C GLY C 70 3.33 -21.52 15.92
N GLN C 71 2.05 -21.70 16.26
CA GLN C 71 1.20 -22.64 15.56
C GLN C 71 0.72 -22.04 14.25
N TYR C 72 0.80 -22.82 13.17
CA TYR C 72 0.45 -22.36 11.82
C TYR C 72 1.25 -21.12 11.44
N SER C 73 2.57 -21.19 11.63
CA SER C 73 3.47 -20.08 11.38
C SER C 73 4.40 -20.42 10.22
N SER C 74 4.83 -19.39 9.49
CA SER C 74 5.63 -19.58 8.28
C SER C 74 6.80 -18.61 8.27
N ALA C 75 8.00 -19.15 8.07
CA ALA C 75 9.21 -18.35 7.91
C ALA C 75 9.87 -18.73 6.59
N PHE C 76 9.96 -17.76 5.67
CA PHE C 76 10.45 -18.04 4.32
C PHE C 76 11.51 -17.01 3.94
N GLY C 77 12.74 -17.48 3.76
CA GLY C 77 13.83 -16.63 3.30
C GLY C 77 15.10 -16.69 4.12
N PHE C 78 15.60 -15.52 4.50
CA PHE C 78 16.87 -15.38 5.21
C PHE C 78 16.63 -14.78 6.59
N ARG C 79 16.82 -15.61 7.63
CA ARG C 79 16.82 -15.17 9.02
C ARG C 79 15.51 -14.48 9.42
N ASN C 80 14.44 -15.25 9.35
CA ASN C 80 13.11 -14.79 9.71
C ASN C 80 12.63 -15.47 10.98
N VAL C 81 11.76 -14.79 11.72
CA VAL C 81 11.21 -15.29 12.97
C VAL C 81 9.71 -15.12 12.95
N ALA C 82 8.97 -16.20 13.23
CA ALA C 82 7.53 -16.17 13.41
C ALA C 82 7.21 -16.78 14.76
N ASN C 83 6.49 -16.05 15.60
CA ASN C 83 6.33 -16.41 17.00
C ASN C 83 4.90 -16.76 17.40
N LYS C 84 3.89 -16.13 16.83
CA LYS C 84 2.51 -16.30 17.25
C LYS C 84 1.73 -17.11 16.22
N ARG C 85 0.44 -17.29 16.50
CA ARG C 85 -0.44 -18.03 15.61
C ARG C 85 -0.72 -17.24 14.34
N HIS C 86 -0.69 -17.94 13.20
CA HIS C 86 -1.03 -17.37 11.90
C HIS C 86 -0.18 -16.14 11.58
N SER C 87 1.10 -16.19 11.94
CA SER C 87 2.04 -15.11 11.68
C SER C 87 2.99 -15.51 10.57
N SER C 88 3.28 -14.55 9.68
CA SER C 88 4.07 -14.83 8.49
C SER C 88 5.24 -13.86 8.38
N ALA C 89 6.43 -14.41 8.13
CA ALA C 89 7.62 -13.61 7.87
C ALA C 89 8.20 -14.01 6.52
N PHE C 90 8.27 -13.04 5.60
CA PHE C 90 8.69 -13.32 4.23
C PHE C 90 9.75 -12.32 3.81
N GLY C 91 10.95 -12.82 3.51
CA GLY C 91 12.01 -11.95 3.02
C GLY C 91 13.32 -12.08 3.78
N SER C 92 13.85 -10.95 4.25
CA SER C 92 15.14 -10.92 4.93
C SER C 92 15.00 -10.20 6.27
N GLY C 93 15.29 -10.90 7.35
CA GLY C 93 15.37 -10.30 8.68
C GLY C 93 14.07 -9.77 9.25
N ASN C 94 12.96 -10.49 9.09
CA ASN C 94 11.67 -10.05 9.57
C ASN C 94 11.25 -10.85 10.79
N GLU C 95 10.62 -10.18 11.74
CA GLU C 95 10.06 -10.81 12.94
C GLU C 95 8.61 -10.39 13.10
N ALA C 96 7.75 -11.36 13.40
CA ALA C 96 6.32 -11.12 13.61
C ALA C 96 5.93 -11.68 14.97
N ASN C 97 5.63 -10.79 15.91
CA ASN C 97 5.30 -11.17 17.28
C ASN C 97 3.84 -10.88 17.63
N GLY C 98 2.97 -10.88 16.63
CA GLY C 98 1.55 -10.67 16.85
C GLY C 98 0.72 -11.73 16.17
N GLU C 99 -0.46 -11.98 16.73
CA GLU C 99 -1.37 -12.96 16.17
C GLU C 99 -1.96 -12.42 14.87
N GLN C 100 -1.93 -13.24 13.82
CA GLN C 100 -2.43 -12.86 12.50
C GLN C 100 -1.73 -11.61 11.98
N SER C 101 -0.41 -11.61 12.05
CA SER C 101 0.43 -10.49 11.63
C SER C 101 1.25 -10.89 10.41
N SER C 102 1.75 -9.88 9.70
CA SER C 102 2.46 -10.09 8.44
C SER C 102 3.62 -9.13 8.31
N ALA C 103 4.83 -9.66 8.13
CA ALA C 103 6.02 -8.87 7.89
C ALA C 103 6.61 -9.25 6.54
N PHE C 104 6.70 -8.29 5.62
CA PHE C 104 7.14 -8.56 4.26
C PHE C 104 8.21 -7.57 3.85
N GLY C 105 9.40 -8.09 3.53
CA GLY C 105 10.48 -7.24 3.06
C GLY C 105 11.77 -7.35 3.83
N PHE C 106 12.34 -6.21 4.21
CA PHE C 106 13.65 -6.14 4.84
C PHE C 106 13.53 -5.48 6.21
N LYS C 107 13.81 -6.24 7.26
CA LYS C 107 13.92 -5.74 8.64
C LYS C 107 12.65 -5.03 9.10
N ASN C 108 11.56 -5.80 9.14
CA ASN C 108 10.27 -5.29 9.60
C ASN C 108 9.82 -6.06 10.82
N THR C 109 9.36 -5.33 11.84
CA THR C 109 8.88 -5.91 13.08
C THR C 109 7.43 -5.52 13.32
N VAL C 110 6.58 -6.51 13.56
CA VAL C 110 5.18 -6.30 13.87
C VAL C 110 4.86 -7.00 15.18
N SER C 111 4.25 -6.27 16.12
CA SER C 111 3.89 -6.83 17.42
C SER C 111 2.46 -6.48 17.81
N GLY C 112 1.58 -6.25 16.83
CA GLY C 112 0.20 -5.94 17.08
C GLY C 112 -0.73 -7.04 16.57
N PHE C 113 -2.00 -6.90 16.92
CA PHE C 113 -3.03 -7.85 16.52
C PHE C 113 -3.62 -7.40 15.18
N ASN C 114 -3.46 -8.24 14.16
CA ASN C 114 -3.94 -7.96 12.80
C ASN C 114 -3.31 -6.67 12.26
N SER C 115 -1.99 -6.69 12.15
CA SER C 115 -1.22 -5.57 11.63
C SER C 115 -0.30 -6.06 10.52
N SER C 116 0.06 -5.15 9.61
CA SER C 116 0.82 -5.49 8.43
C SER C 116 1.92 -4.47 8.16
N ALA C 117 3.10 -4.97 7.80
CA ALA C 117 4.23 -4.11 7.47
C ALA C 117 4.85 -4.55 6.15
N PHE C 118 5.01 -3.61 5.22
CA PHE C 118 5.63 -3.88 3.94
C PHE C 118 6.72 -2.85 3.66
N GLY C 119 7.94 -3.34 3.41
CA GLY C 119 9.00 -2.43 3.00
C GLY C 119 10.33 -2.60 3.70
N SER C 120 10.80 -1.52 4.33
CA SER C 120 12.13 -1.49 4.94
C SER C 120 12.11 -0.72 6.24
N GLN C 121 12.39 -1.40 7.34
CA GLN C 121 12.72 -0.78 8.64
C GLN C 121 11.58 0.06 9.20
N TYR C 122 10.43 -0.60 9.42
CA TYR C 122 9.35 -0.10 10.26
C TYR C 122 8.98 -1.07 11.37
N GLU C 123 8.48 -0.51 12.45
CA GLU C 123 7.92 -1.25 13.58
C GLU C 123 6.49 -0.79 13.80
N VAL C 124 5.56 -1.75 13.88
CA VAL C 124 4.16 -1.47 14.13
C VAL C 124 3.78 -2.17 15.42
N THR C 125 3.59 -1.39 16.49
CA THR C 125 3.21 -1.91 17.79
C THR C 125 1.75 -1.68 18.12
N GLY C 126 0.97 -1.14 17.18
CA GLY C 126 -0.44 -0.89 17.40
C GLY C 126 -1.32 -2.00 16.83
N ASN C 127 -2.58 -1.97 17.23
CA ASN C 127 -3.56 -2.95 16.79
C ASN C 127 -4.35 -2.40 15.61
N PHE C 128 -4.59 -3.27 14.62
CA PHE C 128 -5.32 -2.92 13.40
C PHE C 128 -4.68 -1.73 12.69
N SER C 129 -3.35 -1.76 12.59
CA SER C 129 -2.58 -0.70 11.96
C SER C 129 -1.74 -1.25 10.82
N GLY C 130 -1.13 -0.35 10.04
CA GLY C 130 -0.37 -0.73 8.88
C GLY C 130 0.69 0.25 8.42
N ALA C 131 1.79 -0.30 7.89
CA ALA C 131 2.93 0.51 7.47
C ALA C 131 3.40 0.11 6.08
N PHE C 132 3.60 1.11 5.22
CA PHE C 132 4.07 0.90 3.86
C PHE C 132 5.20 1.89 3.57
N GLY C 133 6.43 1.40 3.50
CA GLY C 133 7.52 2.30 3.16
C GLY C 133 8.84 2.08 3.87
N MET C 134 9.56 3.16 4.15
CA MET C 134 10.93 3.09 4.66
C MET C 134 11.11 3.88 5.95
N GLY C 135 11.97 3.35 6.83
CA GLY C 135 12.33 3.99 8.09
C GLY C 135 13.83 3.95 8.30
N GLU C 136 14.24 3.69 9.54
CA GLU C 136 15.65 3.65 9.89
C GLU C 136 15.86 2.67 11.05
N PHE C 137 17.08 2.14 11.13
CA PHE C 137 17.42 1.16 12.16
C PHE C 137 18.93 1.16 12.36
N ASN C 138 19.38 1.43 13.58
CA ASN C 138 20.80 1.41 13.93
C ASN C 138 21.01 0.74 15.29
N GLY C 139 20.34 -0.39 15.50
CA GLY C 139 20.37 -1.06 16.79
C GLY C 139 19.02 -0.98 17.46
N GLN C 140 18.33 0.15 17.28
CA GLN C 140 16.97 0.33 17.74
C GLN C 140 16.18 1.03 16.64
N TYR C 141 14.87 0.79 16.63
CA TYR C 141 13.99 1.44 15.67
C TYR C 141 13.73 2.89 16.07
N GLN C 142 13.80 3.77 15.08
CA GLN C 142 13.70 5.22 15.38
C GLN C 142 12.38 5.78 14.85
N TYR C 143 11.57 5.00 14.12
CA TYR C 143 10.27 5.46 13.64
C TYR C 143 9.28 4.32 13.79
N LYS C 144 8.27 4.52 14.65
CA LYS C 144 7.30 3.49 14.97
C LYS C 144 5.89 4.00 14.74
N ASN C 145 4.97 3.07 14.55
CA ASN C 145 3.54 3.33 14.47
C ASN C 145 2.89 2.75 15.73
N GLU C 146 2.61 3.61 16.70
CA GLU C 146 2.12 3.19 18.00
C GLU C 146 0.64 3.49 18.22
N GLY C 147 -0.08 3.89 17.18
CA GLY C 147 -1.49 4.18 17.29
C GLY C 147 -2.35 3.03 16.80
N ASN C 148 -3.61 3.03 17.26
CA ASN C 148 -4.57 2.02 16.86
C ASN C 148 -5.43 2.54 15.71
N ASN C 149 -5.68 1.66 14.73
CA ASN C 149 -6.45 1.99 13.54
C ASN C 149 -5.85 3.19 12.80
N SER C 150 -4.53 3.14 12.62
CA SER C 150 -3.78 4.20 11.94
C SER C 150 -2.93 3.58 10.85
N TYR C 151 -2.70 4.35 9.78
CA TYR C 151 -1.95 3.82 8.64
C TYR C 151 -0.93 4.84 8.16
N MET C 152 0.25 4.35 7.77
CA MET C 152 1.33 5.23 7.32
C MET C 152 1.85 4.77 5.97
N ILE C 153 2.04 5.73 5.06
CA ILE C 153 2.63 5.48 3.74
C ILE C 153 3.71 6.51 3.49
N GLY C 154 4.97 6.08 3.47
CA GLY C 154 6.05 6.95 3.08
C GLY C 154 7.35 6.62 3.81
N ASN C 155 8.10 7.67 4.12
CA ASN C 155 9.43 7.56 4.70
C ASN C 155 9.51 8.41 5.96
N LYS C 156 10.02 7.80 7.05
CA LYS C 156 10.35 8.49 8.29
C LYS C 156 9.13 9.21 8.88
N ASN C 157 8.14 8.41 9.26
CA ASN C 157 6.92 8.90 9.88
C ASN C 157 6.76 8.28 11.27
N LYS C 158 6.05 8.98 12.14
CA LYS C 158 5.87 8.56 13.52
C LYS C 158 4.47 8.89 13.99
N ILE C 159 3.87 7.98 14.76
CA ILE C 159 2.63 8.21 15.47
C ILE C 159 2.82 7.77 16.92
N ALA C 160 2.45 8.63 17.85
CA ALA C 160 2.71 8.38 19.27
C ALA C 160 1.63 7.45 19.85
N SER C 161 1.80 7.13 21.13
CA SER C 161 0.86 6.28 21.85
C SER C 161 -0.26 7.14 22.43
N GLY C 162 -1.50 6.68 22.26
CA GLY C 162 -2.65 7.45 22.63
C GLY C 162 -3.26 8.27 21.51
N SER C 163 -2.59 8.34 20.37
CA SER C 163 -3.11 9.02 19.18
C SER C 163 -3.67 7.96 18.24
N ASN C 164 -4.98 7.91 18.13
CA ASN C 164 -5.67 6.86 17.40
C ASN C 164 -6.41 7.45 16.20
N ASP C 165 -6.68 6.57 15.22
CA ASP C 165 -7.46 6.91 14.02
C ASP C 165 -6.78 8.02 13.20
N ASN C 166 -5.57 7.72 12.74
CA ASN C 166 -4.78 8.68 11.98
C ASN C 166 -4.30 8.04 10.68
N PHE C 167 -4.17 8.88 9.65
CA PHE C 167 -3.73 8.45 8.32
C PHE C 167 -2.67 9.43 7.82
N ILE C 168 -1.52 8.90 7.42
CA ILE C 168 -0.42 9.72 6.92
C ILE C 168 -0.02 9.21 5.54
N LEU C 169 0.06 10.12 4.58
CA LEU C 169 0.55 9.86 3.22
C LEU C 169 1.61 10.91 2.92
N GLY C 170 2.86 10.65 3.30
CA GLY C 170 3.89 11.66 3.13
C GLY C 170 5.17 11.30 3.84
N ASN C 171 6.05 12.30 3.97
CA ASN C 171 7.37 12.14 4.54
C ASN C 171 7.58 13.12 5.69
N ASN C 172 8.28 12.65 6.73
CA ASN C 172 8.69 13.48 7.87
C ASN C 172 7.48 14.12 8.56
N VAL C 173 6.49 13.30 8.88
CA VAL C 173 5.30 13.74 9.62
C VAL C 173 5.33 13.06 10.98
N HIS C 174 5.29 13.87 12.04
CA HIS C 174 5.34 13.37 13.41
C HIS C 174 4.09 13.86 14.13
N ILE C 175 3.25 12.93 14.57
CA ILE C 175 2.02 13.25 15.29
C ILE C 175 2.26 13.03 16.78
N GLY C 176 1.93 14.03 17.58
CA GLY C 176 2.15 13.99 19.01
C GLY C 176 0.99 13.33 19.76
N GLY C 177 1.07 13.40 21.08
CA GLY C 177 0.07 12.76 21.92
C GLY C 177 -1.17 13.62 22.10
N GLY C 178 -2.32 12.97 22.06
CA GLY C 178 -3.59 13.64 22.23
C GLY C 178 -4.29 14.06 20.96
N ILE C 179 -3.86 13.56 19.80
CA ILE C 179 -4.43 13.93 18.51
C ILE C 179 -5.17 12.74 17.94
N ASN C 180 -6.43 12.94 17.58
CA ASN C 180 -7.26 11.87 17.02
C ASN C 180 -8.02 12.41 15.81
N ASN C 181 -8.33 11.51 14.87
CA ASN C 181 -9.13 11.82 13.69
C ASN C 181 -8.51 12.94 12.87
N SER C 182 -7.32 12.69 12.33
CA SER C 182 -6.61 13.67 11.54
C SER C 182 -6.03 13.02 10.29
N VAL C 183 -5.85 13.85 9.25
CA VAL C 183 -5.27 13.42 7.98
C VAL C 183 -4.16 14.39 7.61
N ALA C 184 -3.01 13.86 7.21
CA ALA C 184 -1.86 14.66 6.81
C ALA C 184 -1.49 14.33 5.38
N LEU C 185 -1.36 15.35 4.53
CA LEU C 185 -1.05 15.17 3.12
C LEU C 185 0.17 16.01 2.76
N GLY C 186 1.14 15.40 2.10
CA GLY C 186 2.26 16.11 1.54
C GLY C 186 3.56 15.78 2.26
N ASN C 187 4.64 16.38 1.74
CA ASN C 187 5.98 16.21 2.28
C ASN C 187 6.28 17.34 3.26
N ASN C 188 6.86 16.98 4.41
CA ASN C 188 7.19 17.93 5.46
C ASN C 188 5.95 18.68 5.94
N SER C 189 4.92 17.93 6.31
CA SER C 189 3.68 18.50 6.81
C SER C 189 3.57 18.31 8.32
N THR C 190 2.72 19.12 8.94
CA THR C 190 2.55 19.13 10.38
C THR C 190 1.08 19.07 10.74
N VAL C 191 0.79 18.37 11.84
CA VAL C 191 -0.56 18.27 12.39
C VAL C 191 -0.48 18.63 13.87
N SER C 192 -1.38 19.50 14.33
CA SER C 192 -1.32 19.97 15.71
C SER C 192 -2.68 20.04 16.39
N ALA C 193 -3.71 19.42 15.82
CA ALA C 193 -5.04 19.46 16.41
C ALA C 193 -5.84 18.26 15.93
N SER C 194 -6.96 18.01 16.60
CA SER C 194 -7.86 16.92 16.27
C SER C 194 -8.93 17.39 15.29
N ASN C 195 -9.45 16.45 14.50
CA ASN C 195 -10.48 16.71 13.50
C ASN C 195 -10.05 17.79 12.51
N THR C 196 -8.87 17.58 11.90
CA THR C 196 -8.32 18.52 10.95
C THR C 196 -7.67 17.78 9.79
N VAL C 197 -7.58 18.47 8.65
CA VAL C 197 -6.83 18.01 7.49
C VAL C 197 -5.78 19.07 7.19
N SER C 198 -4.52 18.65 7.12
CA SER C 198 -3.40 19.57 6.93
C SER C 198 -2.73 19.31 5.59
N VAL C 199 -2.41 20.38 4.86
CA VAL C 199 -1.80 20.26 3.55
C VAL C 199 -0.51 21.08 3.50
N GLY C 200 0.13 21.25 4.65
CA GLY C 200 1.38 22.00 4.70
C GLY C 200 1.80 22.25 6.13
N SER C 201 2.71 23.21 6.29
CA SER C 201 3.22 23.57 7.61
C SER C 201 3.13 25.08 7.82
N SER C 202 3.70 25.57 8.93
CA SER C 202 3.67 26.99 9.22
C SER C 202 4.75 27.78 8.50
N THR C 203 5.68 27.10 7.82
CA THR C 203 6.70 27.75 7.02
C THR C 203 6.47 27.64 5.54
N LEU C 204 5.89 26.54 5.06
CA LEU C 204 5.56 26.36 3.66
C LEU C 204 4.09 25.98 3.55
N LYS C 205 3.36 26.66 2.67
CA LYS C 205 1.93 26.44 2.49
C LYS C 205 1.65 26.07 1.05
N ARG C 206 0.62 25.25 0.85
CA ARG C 206 0.26 24.75 -0.47
C ARG C 206 -1.07 25.35 -0.93
N LYS C 207 -1.29 25.27 -2.24
CA LYS C 207 -2.52 25.77 -2.87
C LYS C 207 -3.32 24.59 -3.38
N ILE C 208 -4.65 24.69 -3.28
CA ILE C 208 -5.56 23.68 -3.80
C ILE C 208 -6.15 24.22 -5.10
N VAL C 209 -5.95 23.48 -6.19
CA VAL C 209 -6.30 23.93 -7.52
C VAL C 209 -7.31 22.99 -8.14
N ASN C 210 -8.00 23.47 -9.17
CA ASN C 210 -8.99 22.70 -9.94
C ASN C 210 -10.15 22.27 -9.06
N VAL C 211 -10.80 23.24 -8.43
CA VAL C 211 -11.89 23.02 -7.50
C VAL C 211 -13.18 23.54 -8.12
N GLY C 212 -14.23 22.74 -8.08
CA GLY C 212 -15.51 23.15 -8.61
C GLY C 212 -16.23 24.13 -7.70
N ASP C 213 -17.24 24.79 -8.28
CA ASP C 213 -17.98 25.81 -7.55
C ASP C 213 -18.87 25.19 -6.49
N GLY C 214 -18.90 25.83 -5.32
CA GLY C 214 -19.77 25.40 -4.24
C GLY C 214 -21.15 26.02 -4.34
N ALA C 215 -21.90 25.88 -3.25
CA ALA C 215 -23.24 26.44 -3.15
C ALA C 215 -23.25 27.54 -2.10
N ILE C 216 -23.80 28.69 -2.46
CA ILE C 216 -23.90 29.83 -1.55
C ILE C 216 -25.32 29.85 -1.00
N SER C 217 -25.49 29.33 0.21
CA SER C 217 -26.79 29.26 0.84
C SER C 217 -26.61 29.36 2.35
N ALA C 218 -27.74 29.32 3.08
CA ALA C 218 -27.70 29.51 4.52
C ALA C 218 -26.94 28.39 5.22
N ASN C 219 -27.13 27.16 4.77
CA ASN C 219 -26.47 25.98 5.36
C ASN C 219 -25.77 25.20 4.25
N SER C 220 -24.55 25.61 3.92
CA SER C 220 -23.79 25.00 2.83
C SER C 220 -22.35 24.85 3.27
N SER C 221 -21.92 23.61 3.48
CA SER C 221 -20.55 23.31 3.88
C SER C 221 -19.72 22.87 2.66
N ASP C 222 -19.52 23.80 1.73
CA ASP C 222 -18.74 23.56 0.54
C ASP C 222 -17.68 24.66 0.38
N ALA C 223 -16.57 24.30 -0.25
CA ALA C 223 -15.50 25.25 -0.45
C ALA C 223 -15.88 26.30 -1.48
N VAL C 224 -15.23 27.46 -1.38
CA VAL C 224 -15.52 28.62 -2.22
C VAL C 224 -14.30 28.92 -3.07
N THR C 225 -14.53 29.16 -4.37
CA THR C 225 -13.46 29.44 -5.31
C THR C 225 -13.27 30.95 -5.47
N GLY C 226 -12.20 31.31 -6.18
CA GLY C 226 -11.86 32.72 -6.34
C GLY C 226 -12.88 33.50 -7.16
N ARG C 227 -13.44 32.86 -8.18
CA ARG C 227 -14.42 33.54 -9.03
C ARG C 227 -15.66 33.94 -8.24
N GLN C 228 -16.06 33.13 -7.26
CA GLN C 228 -17.25 33.44 -6.48
C GLN C 228 -17.04 34.66 -5.60
N LEU C 229 -15.83 34.81 -5.03
CA LEU C 229 -15.53 36.02 -4.28
C LEU C 229 -15.36 37.22 -5.21
N TYR C 230 -14.84 37.00 -6.42
CA TYR C 230 -14.69 38.09 -7.37
C TYR C 230 -16.04 38.65 -7.80
N SER C 231 -17.01 37.77 -8.08
CA SER C 231 -18.28 38.23 -8.63
C SER C 231 -19.27 38.60 -7.52
N GLY C 232 -19.41 37.76 -6.51
CA GLY C 232 -20.31 38.03 -5.41
C GLY C 232 -21.74 37.58 -5.62
N ASN C 233 -21.99 36.65 -6.54
CA ASN C 233 -23.35 36.21 -6.82
C ASN C 233 -23.87 35.32 -5.70
N GLY C 234 -25.14 35.51 -5.35
CA GLY C 234 -25.82 34.63 -4.42
C GLY C 234 -25.70 34.96 -2.96
N ILE C 235 -25.35 36.18 -2.60
CA ILE C 235 -25.15 36.55 -1.21
C ILE C 235 -26.42 37.20 -0.67
N ASP C 236 -26.52 37.28 0.65
CA ASP C 236 -27.66 37.90 1.32
C ASP C 236 -27.48 39.41 1.28
N THR C 237 -28.32 40.09 0.49
CA THR C 237 -28.18 41.53 0.34
C THR C 237 -28.47 42.28 1.64
N ALA C 238 -29.50 41.85 2.38
CA ALA C 238 -29.89 42.56 3.59
C ALA C 238 -28.83 42.46 4.68
N ALA C 239 -28.21 41.28 4.83
CA ALA C 239 -27.19 41.11 5.85
C ALA C 239 -25.97 41.98 5.57
N TRP C 240 -25.56 42.07 4.31
CA TRP C 240 -24.43 42.94 3.97
C TRP C 240 -24.82 44.41 4.03
N GLN C 241 -26.09 44.73 3.77
CA GLN C 241 -26.53 46.11 3.79
C GLN C 241 -26.69 46.64 5.21
N ASN C 242 -26.98 45.78 6.18
CA ASN C 242 -27.01 46.24 7.56
C ASN C 242 -25.71 45.97 8.31
N LYS C 243 -24.83 45.10 7.79
CA LYS C 243 -23.49 44.97 8.33
C LYS C 243 -22.64 46.19 7.99
N LEU C 244 -22.69 46.63 6.73
CA LEU C 244 -22.05 47.86 6.28
C LEU C 244 -23.14 48.90 6.07
N ASN C 245 -23.07 49.99 6.81
CA ASN C 245 -24.14 50.99 6.76
C ASN C 245 -24.15 51.64 5.38
N VAL C 246 -25.15 51.28 4.56
CA VAL C 246 -25.25 51.75 3.18
C VAL C 246 -26.50 52.61 3.06
N THR C 247 -26.37 53.73 2.36
CA THR C 247 -27.51 54.56 2.01
C THR C 247 -27.94 54.18 0.59
N ARG C 248 -29.10 53.57 0.47
CA ARG C 248 -29.55 53.00 -0.79
C ARG C 248 -29.93 54.11 -1.78
N LYS C 249 -29.64 53.86 -3.06
CA LYS C 249 -29.81 54.90 -4.07
C LYS C 249 -31.26 55.32 -4.22
N ASN C 250 -32.19 54.36 -4.15
CA ASN C 250 -33.60 54.71 -4.26
C ASN C 250 -34.07 55.58 -3.10
N ASP C 251 -33.47 55.41 -1.92
CA ASP C 251 -33.77 56.25 -0.77
C ASP C 251 -32.96 57.55 -0.77
N TYR C 252 -32.00 57.68 -1.68
CA TYR C 252 -31.22 58.92 -1.81
C TYR C 252 -31.80 59.84 -2.87
N LYS C 253 -32.29 59.28 -3.99
CA LYS C 253 -32.95 60.12 -4.99
C LYS C 253 -34.21 60.76 -4.43
N ASP C 254 -34.98 59.99 -3.67
CA ASP C 254 -36.16 60.48 -2.97
C ASP C 254 -35.78 60.62 -1.50
N ALA C 255 -35.77 61.86 -1.00
CA ALA C 255 -35.30 62.12 0.35
C ALA C 255 -36.13 61.35 1.37
N ASN C 256 -35.49 60.39 2.03
CA ASN C 256 -36.14 59.58 3.04
C ASN C 256 -35.24 59.45 4.25
N ASP C 257 -35.85 59.39 5.44
CA ASP C 257 -35.16 59.14 6.70
C ASP C 257 -34.08 60.19 6.97
N ILE C 258 -34.42 61.46 6.76
CA ILE C 258 -33.50 62.56 7.03
C ILE C 258 -34.01 63.35 8.22
N ASP C 259 -33.07 63.92 8.98
CA ASP C 259 -33.40 64.82 10.09
C ASP C 259 -33.53 66.22 9.49
N VAL C 260 -34.77 66.70 9.43
CA VAL C 260 -35.07 67.91 8.65
C VAL C 260 -34.39 69.14 9.24
N ASN C 261 -34.41 69.27 10.57
CA ASN C 261 -33.89 70.48 11.20
C ASN C 261 -32.40 70.65 10.93
N LYS C 262 -31.64 69.56 10.98
CA LYS C 262 -30.20 69.65 10.71
C LYS C 262 -29.90 70.02 9.27
N TRP C 263 -30.77 69.64 8.34
CA TRP C 263 -30.59 70.05 6.94
C TRP C 263 -31.03 71.50 6.74
N LYS C 264 -31.96 71.98 7.56
CA LYS C 264 -32.27 73.41 7.59
C LYS C 264 -31.07 74.25 7.98
N ALA C 265 -30.34 73.83 9.01
CA ALA C 265 -29.24 74.62 9.55
C ALA C 265 -28.13 74.81 8.53
N LYS C 266 -27.54 73.72 8.06
CA LYS C 266 -26.39 73.79 7.16
C LYS C 266 -26.75 74.44 5.83
N LEU C 267 -27.91 74.11 5.29
CA LEU C 267 -28.34 74.67 4.02
C LEU C 267 -29.02 76.02 4.24
N GLN D 2 39.42 -10.19 19.61
CA GLN D 2 38.30 -9.91 20.51
C GLN D 2 38.03 -8.42 20.60
N LEU D 3 36.76 -8.04 20.49
CA LEU D 3 36.38 -6.64 20.57
C LEU D 3 36.67 -6.08 21.97
N THR D 4 37.37 -4.95 22.02
CA THR D 4 37.78 -4.37 23.29
C THR D 4 37.45 -2.88 23.34
N THR D 5 37.18 -2.39 24.54
CA THR D 5 36.90 -0.98 24.78
C THR D 5 37.87 -0.43 25.81
N GLU D 6 38.38 0.78 25.56
CA GLU D 6 39.37 1.40 26.43
C GLU D 6 38.92 2.80 26.79
N SER D 7 39.00 3.13 28.07
CA SER D 7 38.66 4.46 28.56
C SER D 7 39.93 5.28 28.76
N MET D 8 39.83 6.59 28.48
CA MET D 8 41.01 7.44 28.64
C MET D 8 40.61 8.84 29.06
N PRO D 9 40.96 9.27 30.28
CA PRO D 9 41.62 8.51 31.34
C PRO D 9 40.63 7.74 32.21
N PHE D 10 41.10 6.73 32.95
CA PHE D 10 40.20 5.97 33.82
C PHE D 10 39.64 6.85 34.93
N ASN D 11 40.49 7.68 35.54
CA ASN D 11 40.07 8.61 36.58
C ASN D 11 40.11 10.02 35.99
N VAL D 12 39.00 10.74 36.08
CA VAL D 12 38.84 12.03 35.43
C VAL D 12 38.35 13.05 36.46
N ALA D 13 38.57 14.32 36.15
CA ALA D 13 38.17 15.41 37.03
C ALA D 13 36.68 15.68 36.91
N GLU D 14 36.22 16.81 37.46
CA GLU D 14 34.79 17.11 37.56
C GLU D 14 34.37 17.99 36.38
N GLY D 15 35.30 18.35 35.52
CA GLY D 15 34.98 19.23 34.41
C GLY D 15 35.70 18.92 33.11
N LYS D 16 36.41 17.78 33.06
CA LYS D 16 37.21 17.45 31.89
C LYS D 16 36.42 16.61 30.91
N GLU D 17 37.11 16.06 29.91
CA GLU D 17 36.49 15.25 28.87
C GLU D 17 36.89 13.79 29.07
N VAL D 18 35.96 12.89 28.72
CA VAL D 18 36.20 11.45 28.80
C VAL D 18 36.01 10.85 27.41
N LEU D 19 36.97 10.05 26.97
CA LEU D 19 36.97 9.46 25.64
C LEU D 19 37.03 7.94 25.75
N LEU D 20 36.09 7.27 25.08
CA LEU D 20 36.04 5.81 25.03
C LEU D 20 36.32 5.35 23.60
N LEU D 21 37.33 4.51 23.46
CA LEU D 21 37.82 4.02 22.17
C LEU D 21 37.55 2.52 22.05
N VAL D 22 37.59 2.03 20.81
CA VAL D 22 37.29 0.64 20.50
C VAL D 22 38.45 0.06 19.69
N HIS D 23 38.92 -1.11 20.10
CA HIS D 23 39.97 -1.84 19.40
C HIS D 23 39.45 -3.19 18.94
N ASN D 24 39.97 -3.63 17.78
CA ASN D 24 39.57 -4.89 17.14
C ASN D 24 38.10 -4.85 16.71
N LEU D 25 37.74 -3.79 16.00
CA LEU D 25 36.40 -3.65 15.47
C LEU D 25 36.25 -4.49 14.21
N PRO D 26 35.23 -5.36 14.12
CA PRO D 26 35.08 -6.20 12.92
C PRO D 26 34.77 -5.38 11.69
N GLN D 27 35.12 -5.93 10.53
CA GLN D 27 34.82 -5.30 9.25
C GLN D 27 33.43 -5.68 8.77
N GLN D 28 32.95 -4.96 7.76
CA GLN D 28 31.66 -5.22 7.11
C GLN D 28 30.51 -5.17 8.13
N LEU D 29 30.33 -3.99 8.69
CA LEU D 29 29.33 -3.77 9.74
C LEU D 29 28.08 -3.10 9.15
N PHE D 30 27.11 -2.85 10.03
CA PHE D 30 25.84 -2.22 9.67
C PHE D 30 25.52 -1.00 10.51
N GLY D 31 25.91 -0.98 11.78
CA GLY D 31 25.68 0.18 12.62
C GLY D 31 26.20 -0.06 14.02
N TYR D 32 26.18 1.01 14.82
CA TYR D 32 26.61 0.96 16.20
C TYR D 32 25.51 1.52 17.09
N SER D 33 25.67 1.31 18.41
CA SER D 33 24.70 1.85 19.40
C SER D 33 25.32 1.83 20.80
N TRP D 34 25.25 2.94 21.52
CA TRP D 34 25.81 3.08 22.86
C TRP D 34 24.68 3.12 23.88
N TYR D 35 24.85 2.36 24.96
CA TYR D 35 23.85 2.28 26.02
C TYR D 35 24.49 2.69 27.36
N LYS D 36 23.63 2.81 28.37
CA LYS D 36 24.04 3.12 29.73
C LYS D 36 23.77 1.92 30.62
N GLY D 37 24.80 1.45 31.32
CA GLY D 37 24.65 0.32 32.21
C GLY D 37 25.33 -0.94 31.71
N GLU D 38 24.70 -2.10 31.94
CA GLU D 38 25.27 -3.38 31.56
C GLU D 38 24.44 -4.15 30.54
N ARG D 39 23.19 -3.76 30.32
CA ARG D 39 22.29 -4.48 29.45
C ARG D 39 21.84 -3.58 28.29
N VAL D 40 21.52 -4.21 27.16
CA VAL D 40 20.96 -3.49 26.02
C VAL D 40 19.48 -3.26 26.27
N ASP D 41 19.09 -1.99 26.42
CA ASP D 41 17.72 -1.63 26.76
C ASP D 41 17.26 -0.50 25.85
N GLY D 42 15.98 -0.55 25.47
CA GLY D 42 15.45 0.47 24.58
C GLY D 42 15.39 1.85 25.21
N ASN D 43 15.06 1.92 26.50
CA ASN D 43 14.89 3.19 27.18
C ASN D 43 16.20 3.79 27.68
N ARG D 44 17.32 3.11 27.48
CA ARG D 44 18.61 3.54 28.02
C ARG D 44 19.66 3.60 26.91
N GLN D 45 19.29 4.21 25.79
CA GLN D 45 20.19 4.38 24.66
C GLN D 45 20.62 5.84 24.56
N ILE D 46 21.91 6.06 24.30
CA ILE D 46 22.45 7.42 24.23
C ILE D 46 22.45 7.91 22.80
N VAL D 47 23.14 7.20 21.91
CA VAL D 47 23.29 7.61 20.53
C VAL D 47 23.53 6.37 19.67
N GLY D 48 23.17 6.47 18.40
CA GLY D 48 23.39 5.38 17.47
C GLY D 48 23.81 5.89 16.12
N TYR D 49 24.47 5.03 15.35
CA TYR D 49 25.01 5.39 14.05
C TYR D 49 24.62 4.35 13.02
N ALA D 50 24.29 4.80 11.81
CA ALA D 50 23.94 3.95 10.69
C ALA D 50 24.90 4.21 9.53
N ILE D 51 25.48 3.13 9.00
CA ILE D 51 26.49 3.25 7.96
C ILE D 51 25.85 3.35 6.58
N GLY D 52 24.67 2.75 6.39
CA GLY D 52 24.03 2.80 5.08
C GLY D 52 23.71 4.20 4.63
N THR D 53 23.23 5.04 5.54
CA THR D 53 22.90 6.43 5.25
C THR D 53 23.89 7.41 5.87
N GLN D 54 24.90 6.92 6.58
CA GLN D 54 25.88 7.77 7.27
C GLN D 54 25.18 8.77 8.18
N GLN D 55 24.41 8.25 9.13
CA GLN D 55 23.56 9.07 9.97
C GLN D 55 23.80 8.79 11.44
N ALA D 56 23.68 9.83 12.26
CA ALA D 56 23.81 9.71 13.71
C ALA D 56 22.55 10.24 14.37
N THR D 57 21.96 9.49 15.27
CA THR D 57 20.68 9.91 15.88
C THR D 57 20.71 9.66 17.38
N PRO D 58 20.45 10.69 18.22
CA PRO D 58 20.44 10.54 19.68
C PRO D 58 19.27 9.69 20.16
N GLY D 59 19.41 9.19 21.38
CA GLY D 59 18.41 8.32 21.96
C GLY D 59 17.72 8.94 23.15
N PRO D 60 16.83 8.17 23.79
CA PRO D 60 16.05 8.71 24.93
C PRO D 60 16.90 9.18 26.10
N ALA D 61 18.07 8.60 26.31
CA ALA D 61 18.91 8.92 27.47
C ALA D 61 20.04 9.87 27.11
N ASN D 62 19.76 10.84 26.24
CA ASN D 62 20.73 11.83 25.83
C ASN D 62 20.47 13.15 26.52
N SER D 63 21.54 13.78 27.01
CA SER D 63 21.45 15.07 27.67
C SER D 63 21.97 16.23 26.83
N GLY D 64 22.86 15.95 25.87
CA GLY D 64 23.42 17.00 25.04
C GLY D 64 24.92 17.11 25.17
N ARG D 65 25.53 16.15 25.86
CA ARG D 65 26.96 16.18 26.13
C ARG D 65 27.70 14.99 25.53
N GLU D 66 27.02 14.10 24.83
CA GLU D 66 27.62 12.88 24.29
C GLU D 66 27.72 12.99 22.78
N THR D 67 28.90 12.67 22.24
CA THR D 67 29.13 12.74 20.81
C THR D 67 29.74 11.41 20.34
N ILE D 68 29.27 10.96 19.17
CA ILE D 68 29.75 9.72 18.58
C ILE D 68 30.62 10.05 17.38
N TYR D 69 31.64 9.22 17.14
CA TYR D 69 32.51 9.39 15.99
C TYR D 69 32.43 8.17 15.09
N PRO D 70 32.73 8.32 13.78
CA PRO D 70 32.57 7.19 12.85
C PRO D 70 33.69 6.16 12.95
N ASN D 71 34.09 5.84 14.18
CA ASN D 71 34.98 4.71 14.44
C ASN D 71 34.57 3.99 15.72
N ALA D 72 33.30 4.11 16.10
CA ALA D 72 32.77 3.59 17.36
C ALA D 72 33.54 4.16 18.56
N SER D 73 33.57 5.49 18.61
CA SER D 73 34.24 6.22 19.68
C SER D 73 33.28 7.21 20.30
N LEU D 74 33.31 7.31 21.62
CA LEU D 74 32.38 8.15 22.37
C LEU D 74 33.14 9.24 23.11
N LEU D 75 32.60 10.46 23.07
CA LEU D 75 33.16 11.59 23.79
C LEU D 75 32.10 12.17 24.72
N ILE D 76 32.46 12.37 25.98
CA ILE D 76 31.57 12.95 26.98
C ILE D 76 32.25 14.18 27.58
N GLN D 77 31.52 15.29 27.66
CA GLN D 77 32.04 16.55 28.15
C GLN D 77 31.27 17.00 29.39
N ASN D 78 31.96 17.71 30.27
CA ASN D 78 31.38 18.25 31.50
C ASN D 78 30.73 17.16 32.34
N VAL D 79 31.56 16.21 32.76
CA VAL D 79 31.05 15.06 33.50
C VAL D 79 30.73 15.46 34.94
N THR D 80 29.76 14.74 35.53
CA THR D 80 29.40 14.97 36.92
C THR D 80 29.52 13.68 37.71
N GLN D 81 29.08 13.68 38.97
CA GLN D 81 29.17 12.49 39.79
C GLN D 81 28.09 11.47 39.48
N ASN D 82 27.10 11.82 38.67
CA ASN D 82 26.06 10.88 38.26
C ASN D 82 26.39 10.17 36.96
N ASP D 83 27.54 10.46 36.35
CA ASP D 83 27.96 9.85 35.10
C ASP D 83 28.98 8.74 35.30
N THR D 84 29.18 8.30 36.54
CA THR D 84 30.18 7.30 36.85
C THR D 84 29.59 5.90 36.78
N GLY D 85 30.35 4.97 36.19
CA GLY D 85 29.94 3.59 36.16
C GLY D 85 30.26 2.82 34.89
N PHE D 86 29.28 2.05 34.42
CA PHE D 86 29.43 1.10 33.34
C PHE D 86 28.74 1.61 32.07
N TYR D 87 29.23 1.13 30.92
CA TYR D 87 28.64 1.45 29.63
C TYR D 87 28.75 0.24 28.72
N THR D 88 27.80 0.12 27.80
CA THR D 88 27.68 -1.04 26.92
C THR D 88 27.65 -0.58 25.46
N LEU D 89 28.30 -1.34 24.60
CA LEU D 89 28.36 -1.08 23.17
C LEU D 89 27.84 -2.29 22.40
N GLN D 90 26.94 -2.05 21.45
CA GLN D 90 26.39 -3.08 20.59
C GLN D 90 26.80 -2.80 19.15
N VAL D 91 27.28 -3.84 18.47
CA VAL D 91 27.72 -3.75 17.08
C VAL D 91 26.90 -4.73 16.25
N ILE D 92 26.25 -4.22 15.20
CA ILE D 92 25.42 -5.07 14.29
C ILE D 92 26.22 -5.29 13.01
N LYS D 93 26.33 -6.54 12.56
CA LYS D 93 27.19 -6.86 11.39
C LYS D 93 26.36 -6.89 10.11
N SER D 94 26.98 -7.28 8.99
CA SER D 94 26.29 -7.28 7.67
C SER D 94 25.39 -8.51 7.51
N ASP D 95 25.47 -9.44 8.45
CA ASP D 95 24.66 -10.68 8.40
C ASP D 95 23.54 -10.59 9.42
N LEU D 96 23.39 -9.44 10.09
CA LEU D 96 22.31 -9.21 11.09
C LEU D 96 22.63 -9.95 12.40
N VAL D 97 23.89 -10.28 12.65
CA VAL D 97 24.29 -10.90 13.96
C VAL D 97 24.80 -9.78 14.87
N ASN D 98 24.84 -9.99 16.20
CA ASN D 98 25.19 -8.88 17.13
C ASN D 98 26.42 -9.17 17.99
N GLU D 99 27.09 -8.14 18.46
CA GLU D 99 28.26 -8.24 19.33
C GLU D 99 28.14 -7.20 20.43
N GLU D 100 28.67 -7.52 21.62
CA GLU D 100 28.55 -6.66 22.78
C GLU D 100 29.92 -6.45 23.42
N ALA D 101 30.11 -5.26 24.00
CA ALA D 101 31.32 -4.92 24.72
C ALA D 101 30.96 -4.02 25.89
N THR D 102 31.83 -3.98 26.89
CA THR D 102 31.57 -3.27 28.13
C THR D 102 32.78 -2.42 28.52
N GLY D 103 32.52 -1.17 28.92
CA GLY D 103 33.55 -0.30 29.44
C GLY D 103 33.11 0.31 30.75
N GLN D 104 34.07 0.96 31.43
CA GLN D 104 33.83 1.48 32.77
C GLN D 104 34.72 2.67 33.04
N PHE D 105 34.21 3.61 33.83
CA PHE D 105 35.05 4.70 34.34
C PHE D 105 34.39 5.34 35.55
N HIS D 106 35.22 5.84 36.46
CA HIS D 106 34.78 6.43 37.72
C HIS D 106 35.29 7.86 37.83
N VAL D 107 34.43 8.77 38.30
CA VAL D 107 34.76 10.19 38.41
C VAL D 107 34.98 10.55 39.86
N TYR D 108 36.02 11.34 40.14
CA TYR D 108 36.29 11.80 41.50
C TYR D 108 36.11 13.31 41.61
N SER E 5 4.90 -47.20 6.78
CA SER E 5 5.86 -47.70 5.80
C SER E 5 7.20 -46.99 5.93
N ALA E 6 8.28 -47.71 5.60
CA ALA E 6 9.61 -47.15 5.67
C ALA E 6 9.83 -46.16 4.52
N PRO E 7 10.65 -45.13 4.74
CA PRO E 7 10.93 -44.17 3.67
C PRO E 7 11.66 -44.84 2.51
N VAL E 8 11.42 -44.32 1.31
CA VAL E 8 11.99 -44.91 0.10
C VAL E 8 12.57 -43.79 -0.76
N PHE E 9 13.73 -44.06 -1.37
CA PHE E 9 14.45 -43.10 -2.19
C PHE E 9 14.73 -43.74 -3.55
N GLN E 10 13.88 -43.49 -4.53
CA GLN E 10 13.98 -44.13 -5.83
C GLN E 10 13.29 -43.25 -6.87
N ALA E 11 13.06 -43.83 -8.05
CA ALA E 11 12.39 -43.14 -9.14
C ALA E 11 10.88 -43.33 -9.06
N GLY E 12 10.16 -42.48 -9.79
CA GLY E 12 8.71 -42.53 -9.83
C GLY E 12 8.18 -43.25 -11.05
N THR E 13 6.92 -42.99 -11.36
CA THR E 13 6.25 -43.61 -12.49
C THR E 13 6.38 -42.80 -13.78
N GLY E 14 6.96 -41.60 -13.71
CA GLY E 14 7.20 -40.80 -14.89
C GLY E 14 8.64 -40.92 -15.36
N THR E 15 8.94 -40.17 -16.43
CA THR E 15 10.28 -40.13 -16.99
C THR E 15 11.10 -39.08 -16.25
N ASP E 16 12.22 -39.51 -15.65
CA ASP E 16 13.13 -38.63 -14.92
C ASP E 16 12.43 -37.94 -13.75
N SER E 17 11.68 -38.72 -12.99
CA SER E 17 10.95 -38.23 -11.83
C SER E 17 11.58 -38.77 -10.54
N THR E 18 11.27 -38.12 -9.42
CA THR E 18 11.90 -38.48 -8.16
C THR E 18 10.92 -38.30 -7.00
N VAL E 19 10.89 -39.30 -6.12
CA VAL E 19 10.11 -39.28 -4.90
C VAL E 19 11.07 -39.52 -3.73
N ALA E 20 10.94 -38.72 -2.67
CA ALA E 20 11.83 -38.82 -1.52
C ALA E 20 11.03 -38.59 -0.24
N GLY E 21 10.78 -39.66 0.50
CA GLY E 21 10.06 -39.59 1.75
C GLY E 21 9.26 -40.84 1.99
N VAL E 22 8.03 -40.64 2.49
CA VAL E 22 7.11 -41.71 2.84
C VAL E 22 5.84 -41.55 2.01
N ASN E 23 5.49 -42.60 1.25
CA ASN E 23 4.24 -42.67 0.49
C ASN E 23 4.07 -41.47 -0.45
N ASN E 24 5.12 -41.21 -1.23
CA ASN E 24 5.10 -40.17 -2.25
C ASN E 24 4.87 -40.81 -3.61
N GLU E 25 4.32 -40.02 -4.53
CA GLU E 25 4.11 -40.48 -5.91
C GLU E 25 4.28 -39.31 -6.86
N ALA E 26 5.17 -39.48 -7.84
CA ALA E 26 5.38 -38.51 -8.91
C ALA E 26 5.01 -39.16 -10.24
N ASN E 27 4.05 -38.56 -10.94
CA ASN E 27 3.50 -39.15 -12.15
C ASN E 27 3.85 -38.39 -13.43
N GLY E 28 4.37 -37.17 -13.33
CA GLY E 28 4.69 -36.38 -14.50
C GLY E 28 6.13 -36.57 -14.95
N GLU E 29 6.44 -35.92 -16.08
CA GLU E 29 7.79 -35.97 -16.63
C GLU E 29 8.63 -34.89 -15.97
N LYS E 30 9.74 -35.30 -15.37
CA LYS E 30 10.64 -34.41 -14.62
C LYS E 30 9.90 -33.71 -13.48
N SER E 31 9.37 -34.54 -12.57
CA SER E 31 8.62 -34.07 -11.43
C SER E 31 9.32 -34.48 -10.14
N SER E 32 9.00 -33.77 -9.06
CA SER E 32 9.68 -33.97 -7.78
C SER E 32 8.66 -33.94 -6.64
N ALA E 33 8.70 -34.97 -5.80
CA ALA E 33 7.83 -35.06 -4.63
C ALA E 33 8.69 -35.36 -3.40
N PHE E 34 8.98 -34.34 -2.60
CA PHE E 34 9.85 -34.48 -1.43
C PHE E 34 9.07 -34.15 -0.16
N GLY E 35 9.12 -35.06 0.81
CA GLY E 35 8.47 -34.83 2.08
C GLY E 35 7.61 -35.98 2.56
N TYR E 36 6.42 -35.67 3.08
CA TYR E 36 5.51 -36.71 3.57
C TYR E 36 4.23 -36.71 2.73
N GLU E 37 4.05 -37.76 1.95
CA GLU E 37 2.80 -38.04 1.24
C GLU E 37 2.40 -36.89 0.32
N ASN E 38 3.31 -36.54 -0.58
CA ASN E 38 3.10 -35.49 -1.56
C ASN E 38 2.70 -36.09 -2.91
N LYS E 39 2.16 -35.24 -3.78
CA LYS E 39 1.63 -35.67 -5.07
C LYS E 39 1.98 -34.63 -6.13
N ALA E 40 2.79 -35.03 -7.11
CA ALA E 40 3.08 -34.22 -8.30
C ALA E 40 2.53 -34.98 -9.50
N LYS E 41 1.67 -34.32 -10.27
CA LYS E 41 0.89 -35.01 -11.29
C LYS E 41 1.04 -34.46 -12.70
N GLU E 42 1.89 -33.46 -12.92
CA GLU E 42 1.99 -32.85 -14.24
C GLU E 42 3.47 -32.67 -14.59
N LYS E 43 3.72 -31.95 -15.68
CA LYS E 43 5.05 -31.76 -16.22
C LYS E 43 5.75 -30.60 -15.52
N LEU E 44 6.96 -30.86 -15.02
CA LEU E 44 7.79 -29.84 -14.36
C LEU E 44 7.09 -29.25 -13.13
N SER E 45 6.58 -30.12 -12.27
CA SER E 45 5.87 -29.72 -11.08
C SER E 45 6.61 -30.17 -9.83
N SER E 46 6.49 -29.39 -8.75
CA SER E 46 7.25 -29.62 -7.54
C SER E 46 6.33 -29.57 -6.32
N ALA E 47 6.43 -30.59 -5.47
CA ALA E 47 5.66 -30.66 -4.22
C ALA E 47 6.62 -30.93 -3.07
N PHE E 48 6.82 -29.93 -2.22
CA PHE E 48 7.78 -30.03 -1.11
C PHE E 48 7.08 -29.75 0.21
N GLY E 49 7.15 -30.71 1.13
CA GLY E 49 6.65 -30.50 2.48
C GLY E 49 5.73 -31.57 3.02
N TYR E 50 4.51 -31.19 3.39
CA TYR E 50 3.55 -32.11 4.00
C TYR E 50 2.23 -32.04 3.23
N LYS E 51 1.89 -33.14 2.54
CA LYS E 51 0.60 -33.31 1.87
C LYS E 51 0.30 -32.15 0.93
N ASN E 52 1.15 -32.00 -0.09
CA ASN E 52 1.01 -30.96 -1.08
C ASN E 52 0.64 -31.57 -2.43
N ILE E 53 -0.23 -30.88 -3.17
CA ILE E 53 -0.71 -31.33 -4.47
C ILE E 53 -0.38 -30.28 -5.50
N ALA E 54 0.24 -30.69 -6.61
CA ALA E 54 0.53 -29.83 -7.75
C ALA E 54 -0.05 -30.45 -8.99
N ASN E 55 -1.13 -29.86 -9.51
CA ASN E 55 -1.87 -30.40 -10.64
C ASN E 55 -1.66 -29.62 -11.92
N GLY E 56 -0.97 -28.48 -11.87
CA GLY E 56 -0.78 -27.67 -13.07
C GLY E 56 0.60 -27.81 -13.66
N ILE E 57 0.75 -27.42 -14.92
CA ILE E 57 2.05 -27.45 -15.58
C ILE E 57 2.91 -26.33 -15.00
N GLU E 58 4.11 -26.69 -14.52
CA GLU E 58 5.03 -25.75 -13.89
C GLU E 58 4.39 -25.05 -12.69
N GLY E 59 3.78 -25.84 -11.83
CA GLY E 59 3.17 -25.36 -10.59
C GLY E 59 3.97 -25.85 -9.38
N SER E 60 4.07 -24.99 -8.37
CA SER E 60 4.90 -25.26 -7.20
C SER E 60 4.07 -25.15 -5.94
N ALA E 61 4.17 -26.18 -5.08
CA ALA E 61 3.54 -26.18 -3.77
C ALA E 61 4.62 -26.39 -2.72
N PHE E 62 4.78 -25.43 -1.81
CA PHE E 62 5.84 -25.49 -0.81
C PHE E 62 5.25 -25.17 0.56
N GLY E 63 5.29 -26.16 1.46
CA GLY E 63 4.81 -25.95 2.81
C GLY E 63 3.90 -27.04 3.35
N ILE E 64 2.75 -26.64 3.89
CA ILE E 64 1.82 -27.57 4.52
C ILE E 64 0.45 -27.43 3.86
N SER E 65 0.00 -28.51 3.22
CA SER E 65 -1.35 -28.64 2.67
C SER E 65 -1.69 -27.51 1.70
N ASN E 66 -0.90 -27.42 0.64
CA ASN E 66 -1.06 -26.40 -0.39
C ASN E 66 -1.54 -27.04 -1.69
N LEU E 67 -2.24 -26.24 -2.49
CA LEU E 67 -2.76 -26.68 -3.79
C LEU E 67 -2.36 -25.68 -4.87
N ALA E 68 -1.80 -26.18 -5.96
CA ALA E 68 -1.41 -25.36 -7.11
C ALA E 68 -2.02 -25.99 -8.36
N LYS E 69 -3.12 -25.41 -8.84
CA LYS E 69 -3.88 -26.00 -9.93
C LYS E 69 -3.63 -25.34 -11.28
N GLY E 70 -3.31 -24.05 -11.30
CA GLY E 70 -3.14 -23.35 -12.56
C GLY E 70 -1.73 -23.49 -13.13
N GLN E 71 -1.58 -23.03 -14.36
CA GLN E 71 -0.29 -23.03 -15.04
C GLN E 71 0.55 -21.86 -14.53
N TYR E 72 1.82 -22.13 -14.22
CA TYR E 72 2.73 -21.12 -13.65
C TYR E 72 2.14 -20.51 -12.38
N SER E 73 1.71 -21.37 -11.47
CA SER E 73 1.06 -20.95 -10.23
C SER E 73 1.94 -21.34 -9.04
N SER E 74 1.85 -20.55 -7.96
CA SER E 74 2.70 -20.74 -6.80
C SER E 74 1.89 -20.67 -5.52
N ALA E 75 2.04 -21.68 -4.67
CA ALA E 75 1.42 -21.70 -3.36
C ALA E 75 2.51 -21.91 -2.31
N PHE E 76 2.68 -20.92 -1.43
CA PHE E 76 3.79 -20.95 -0.47
C PHE E 76 3.27 -20.64 0.92
N GLY E 77 3.36 -21.63 1.81
CA GLY E 77 2.98 -21.44 3.20
C GLY E 77 2.04 -22.47 3.77
N PHE E 78 0.95 -22.00 4.41
CA PHE E 78 0.00 -22.85 5.10
C PHE E 78 -1.37 -22.73 4.44
N ARG E 79 -1.78 -23.81 3.77
CA ARG E 79 -3.15 -23.97 3.23
C ARG E 79 -3.50 -22.84 2.26
N ASN E 80 -2.75 -22.79 1.17
CA ASN E 80 -2.96 -21.81 0.11
C ASN E 80 -3.47 -22.49 -1.16
N VAL E 81 -4.22 -21.74 -1.96
CA VAL E 81 -4.80 -22.24 -3.19
C VAL E 81 -4.50 -21.25 -4.31
N ALA E 82 -3.93 -21.75 -5.41
CA ALA E 82 -3.73 -20.98 -6.64
C ALA E 82 -4.39 -21.72 -7.77
N ASN E 83 -5.28 -21.04 -8.50
CA ASN E 83 -6.16 -21.70 -9.46
C ASN E 83 -5.93 -21.30 -10.90
N LYS E 84 -5.55 -20.06 -11.18
CA LYS E 84 -5.45 -19.55 -12.55
C LYS E 84 -3.98 -19.38 -12.94
N ARG E 85 -3.78 -18.88 -14.16
CA ARG E 85 -2.44 -18.65 -14.67
C ARG E 85 -1.79 -17.46 -13.98
N HIS E 86 -0.51 -17.61 -13.63
CA HIS E 86 0.30 -16.54 -13.05
C HIS E 86 -0.33 -15.99 -11.78
N SER E 87 -0.92 -16.87 -10.96
CA SER E 87 -1.54 -16.50 -9.71
C SER E 87 -0.68 -16.96 -8.54
N SER E 88 -0.57 -16.11 -7.52
CA SER E 88 0.33 -16.35 -6.41
C SER E 88 -0.40 -16.24 -5.08
N ALA E 89 -0.20 -17.24 -4.23
CA ALA E 89 -0.74 -17.22 -2.86
C ALA E 89 0.41 -17.38 -1.88
N PHE E 90 0.59 -16.38 -1.02
CA PHE E 90 1.73 -16.37 -0.10
C PHE E 90 1.24 -16.06 1.32
N GLY E 91 1.45 -17.01 2.22
CA GLY E 91 1.10 -16.80 3.62
C GLY E 91 0.23 -17.88 4.22
N SER E 92 -0.90 -17.50 4.81
CA SER E 92 -1.79 -18.42 5.50
C SER E 92 -3.21 -18.25 4.99
N GLY E 93 -3.76 -19.32 4.41
CA GLY E 93 -5.16 -19.35 4.03
C GLY E 93 -5.59 -18.42 2.91
N ASN E 94 -4.78 -18.29 1.87
CA ASN E 94 -5.07 -17.38 0.76
C ASN E 94 -5.51 -18.17 -0.46
N GLU E 95 -6.47 -17.62 -1.20
CA GLU E 95 -6.94 -18.20 -2.46
C GLU E 95 -6.92 -17.12 -3.53
N ALA E 96 -6.41 -17.47 -4.72
CA ALA E 96 -6.35 -16.55 -5.85
C ALA E 96 -7.03 -17.22 -7.04
N ASN E 97 -8.20 -16.70 -7.43
CA ASN E 97 -8.98 -17.27 -8.52
C ASN E 97 -9.05 -16.34 -9.72
N GLY E 98 -8.03 -15.51 -9.92
CA GLY E 98 -7.97 -14.64 -11.07
C GLY E 98 -6.64 -14.74 -11.76
N GLU E 99 -6.64 -14.45 -13.06
CA GLU E 99 -5.42 -14.49 -13.85
C GLU E 99 -4.54 -13.31 -13.48
N GLN E 100 -3.26 -13.59 -13.23
CA GLN E 100 -2.29 -12.57 -12.81
C GLN E 100 -2.74 -11.84 -11.55
N SER E 101 -3.13 -12.62 -10.54
CA SER E 101 -3.62 -12.10 -9.28
C SER E 101 -2.64 -12.44 -8.16
N SER E 102 -2.75 -11.72 -7.05
CA SER E 102 -1.82 -11.86 -5.94
C SER E 102 -2.54 -11.74 -4.61
N ALA E 103 -2.40 -12.77 -3.77
CA ALA E 103 -2.95 -12.75 -2.42
C ALA E 103 -1.82 -12.92 -1.42
N PHE E 104 -1.64 -11.92 -0.55
CA PHE E 104 -0.51 -11.92 0.38
C PHE E 104 -1.01 -11.63 1.79
N GLY E 105 -0.76 -12.58 2.70
CA GLY E 105 -1.12 -12.38 4.10
C GLY E 105 -2.01 -13.46 4.69
N PHE E 106 -3.09 -13.04 5.36
CA PHE E 106 -3.96 -13.95 6.09
C PHE E 106 -5.38 -13.84 5.55
N LYS E 107 -5.87 -14.94 4.98
CA LYS E 107 -7.27 -15.09 4.56
C LYS E 107 -7.70 -14.00 3.58
N ASN E 108 -7.05 -13.97 2.42
CA ASN E 108 -7.35 -13.02 1.37
C ASN E 108 -7.79 -13.77 0.12
N THR E 109 -8.88 -13.30 -0.49
CA THR E 109 -9.43 -13.90 -1.69
C THR E 109 -9.46 -12.86 -2.80
N VAL E 110 -8.90 -13.22 -3.96
CA VAL E 110 -8.91 -12.37 -5.14
C VAL E 110 -9.49 -13.16 -6.29
N SER E 111 -10.48 -12.59 -6.98
CA SER E 111 -11.11 -13.24 -8.12
C SER E 111 -11.26 -12.31 -9.31
N GLY E 112 -10.39 -11.31 -9.42
CA GLY E 112 -10.40 -10.39 -10.54
C GLY E 112 -9.16 -10.52 -11.41
N PHE E 113 -9.19 -9.83 -12.53
CA PHE E 113 -8.09 -9.81 -13.48
C PHE E 113 -7.13 -8.70 -13.12
N ASN E 114 -5.88 -9.07 -12.78
CA ASN E 114 -4.84 -8.12 -12.39
C ASN E 114 -5.27 -7.32 -11.14
N SER E 115 -5.51 -8.05 -10.06
CA SER E 115 -5.90 -7.46 -8.79
C SER E 115 -4.98 -7.97 -7.69
N SER E 116 -4.85 -7.18 -6.63
CA SER E 116 -3.90 -7.46 -5.56
C SER E 116 -4.54 -7.21 -4.19
N ALA E 117 -4.28 -8.14 -3.26
CA ALA E 117 -4.77 -8.01 -1.90
C ALA E 117 -3.63 -8.24 -0.92
N PHE E 118 -3.46 -7.31 0.02
CA PHE E 118 -2.43 -7.42 1.06
C PHE E 118 -3.06 -7.17 2.42
N GLY E 119 -2.91 -8.14 3.33
CA GLY E 119 -3.34 -7.90 4.70
C GLY E 119 -4.15 -9.02 5.33
N SER E 120 -5.37 -8.69 5.78
CA SER E 120 -6.19 -9.63 6.54
C SER E 120 -7.65 -9.46 6.15
N GLN E 121 -8.24 -10.52 5.56
CA GLN E 121 -9.68 -10.68 5.40
C GLN E 121 -10.31 -9.60 4.53
N TYR E 122 -9.83 -9.53 3.28
CA TYR E 122 -10.49 -8.82 2.19
C TYR E 122 -10.75 -9.72 0.99
N GLU E 123 -11.80 -9.38 0.26
CA GLU E 123 -12.15 -10.00 -1.01
C GLU E 123 -12.21 -8.93 -2.09
N VAL E 124 -11.51 -9.16 -3.20
CA VAL E 124 -11.50 -8.24 -4.33
C VAL E 124 -12.06 -8.99 -5.52
N THR E 125 -13.28 -8.67 -5.92
CA THR E 125 -13.94 -9.29 -7.06
C THR E 125 -13.96 -8.40 -8.30
N GLY E 126 -13.32 -7.24 -8.24
CA GLY E 126 -13.26 -6.34 -9.37
C GLY E 126 -11.98 -6.49 -10.18
N ASN E 127 -12.00 -5.88 -11.36
CA ASN E 127 -10.86 -5.92 -12.26
C ASN E 127 -10.02 -4.66 -12.10
N PHE E 128 -8.70 -4.84 -12.11
CA PHE E 128 -7.73 -3.75 -11.95
C PHE E 128 -7.97 -2.98 -10.65
N SER E 129 -8.21 -3.72 -9.56
CA SER E 129 -8.50 -3.14 -8.26
C SER E 129 -7.49 -3.64 -7.23
N GLY E 130 -7.53 -3.03 -6.05
CA GLY E 130 -6.58 -3.35 -5.00
C GLY E 130 -7.02 -3.06 -3.58
N ALA E 131 -6.58 -3.91 -2.64
CA ALA E 131 -6.98 -3.80 -1.24
C ALA E 131 -5.77 -3.89 -0.33
N PHE E 132 -5.68 -2.97 0.63
CA PHE E 132 -4.60 -2.92 1.60
C PHE E 132 -5.20 -2.71 2.99
N GLY E 133 -5.19 -3.76 3.82
CA GLY E 133 -5.68 -3.57 5.17
C GLY E 133 -6.47 -4.72 5.77
N MET E 134 -7.48 -4.40 6.59
CA MET E 134 -8.18 -5.41 7.39
C MET E 134 -9.68 -5.35 7.18
N GLY E 135 -10.32 -6.52 7.21
CA GLY E 135 -11.76 -6.68 7.10
C GLY E 135 -12.29 -7.62 8.17
N GLU E 136 -13.23 -8.47 7.77
CA GLU E 136 -13.86 -9.41 8.69
C GLU E 136 -14.30 -10.65 7.92
N PHE E 137 -14.38 -11.77 8.65
CA PHE E 137 -14.75 -13.06 8.05
C PHE E 137 -15.29 -13.97 9.13
N ASN E 138 -16.53 -14.43 8.97
CA ASN E 138 -17.16 -15.37 9.90
C ASN E 138 -17.92 -16.45 9.15
N GLY E 139 -17.30 -17.00 8.11
CA GLY E 139 -17.97 -17.95 7.25
C GLY E 139 -18.20 -17.37 5.89
N GLN E 140 -18.49 -16.06 5.84
CA GLN E 140 -18.61 -15.32 4.61
C GLN E 140 -17.93 -13.97 4.78
N TYR E 141 -17.46 -13.41 3.67
CA TYR E 141 -16.83 -12.10 3.70
C TYR E 141 -17.87 -11.00 3.82
N GLN E 142 -17.59 -10.03 4.68
CA GLN E 142 -18.59 -8.99 4.98
C GLN E 142 -18.15 -7.64 4.42
N TYR E 143 -16.94 -7.53 3.86
CA TYR E 143 -16.47 -6.30 3.24
C TYR E 143 -15.72 -6.65 1.97
N LYS E 144 -16.24 -6.22 0.83
CA LYS E 144 -15.68 -6.56 -0.47
C LYS E 144 -15.44 -5.30 -1.28
N ASN E 145 -14.53 -5.42 -2.26
CA ASN E 145 -14.26 -4.38 -3.25
C ASN E 145 -14.77 -4.89 -4.59
N GLU E 146 -15.95 -4.41 -4.99
CA GLU E 146 -16.63 -4.90 -6.17
C GLU E 146 -16.60 -3.92 -7.33
N GLY E 147 -15.79 -2.85 -7.25
CA GLY E 147 -15.68 -1.88 -8.31
C GLY E 147 -14.45 -2.09 -9.16
N ASN E 148 -14.50 -1.54 -10.37
CA ASN E 148 -13.38 -1.63 -11.30
C ASN E 148 -12.53 -0.37 -11.21
N ASN E 149 -11.21 -0.56 -11.23
CA ASN E 149 -10.24 0.55 -11.13
C ASN E 149 -10.46 1.35 -9.85
N SER E 150 -10.63 0.63 -8.73
CA SER E 150 -10.85 1.24 -7.43
C SER E 150 -9.86 0.66 -6.43
N TYR E 151 -9.49 1.47 -5.44
CA TYR E 151 -8.48 1.05 -4.47
C TYR E 151 -8.93 1.41 -3.06
N MET E 152 -8.64 0.51 -2.11
CA MET E 152 -9.04 0.70 -0.72
C MET E 152 -7.84 0.53 0.20
N ILE E 153 -7.69 1.46 1.16
CA ILE E 153 -6.65 1.39 2.17
C ILE E 153 -7.29 1.64 3.54
N GLY E 154 -7.35 0.61 4.36
CA GLY E 154 -7.80 0.80 5.73
C GLY E 154 -8.52 -0.43 6.27
N ASN E 155 -9.54 -0.17 7.09
CA ASN E 155 -10.29 -1.20 7.80
C ASN E 155 -11.78 -1.04 7.54
N LYS E 156 -12.43 -2.15 7.19
CA LYS E 156 -13.89 -2.23 7.08
C LYS E 156 -14.44 -1.21 6.08
N ASN E 157 -14.05 -1.39 4.82
CA ASN E 157 -14.52 -0.55 3.72
C ASN E 157 -15.23 -1.39 2.68
N LYS E 158 -16.13 -0.75 1.95
CA LYS E 158 -16.96 -1.44 0.96
C LYS E 158 -17.17 -0.56 -0.26
N ILE E 159 -17.11 -1.18 -1.44
CA ILE E 159 -17.50 -0.54 -2.69
C ILE E 159 -18.46 -1.47 -3.43
N ALA E 160 -19.58 -0.93 -3.87
CA ALA E 160 -20.63 -1.74 -4.47
C ALA E 160 -20.32 -2.04 -5.94
N SER E 161 -21.20 -2.80 -6.57
CA SER E 161 -21.07 -3.17 -7.97
C SER E 161 -21.71 -2.09 -8.83
N GLY E 162 -21.02 -1.68 -9.88
CA GLY E 162 -21.44 -0.58 -10.71
C GLY E 162 -20.85 0.76 -10.33
N SER E 163 -20.14 0.84 -9.20
CA SER E 163 -19.45 2.04 -8.77
C SER E 163 -17.98 1.87 -9.12
N ASN E 164 -17.51 2.61 -10.12
CA ASN E 164 -16.18 2.45 -10.67
C ASN E 164 -15.36 3.72 -10.45
N ASP E 165 -14.03 3.54 -10.49
CA ASP E 165 -13.08 4.64 -10.38
C ASP E 165 -13.20 5.38 -9.04
N ASN E 166 -12.97 4.63 -7.96
CA ASN E 166 -13.08 5.17 -6.61
C ASN E 166 -11.82 4.85 -5.81
N PHE E 167 -11.50 5.76 -4.89
CA PHE E 167 -10.32 5.64 -4.05
C PHE E 167 -10.72 5.95 -2.61
N ILE E 168 -10.40 5.04 -1.68
CA ILE E 168 -10.73 5.21 -0.28
C ILE E 168 -9.45 5.07 0.55
N LEU E 169 -9.22 6.04 1.42
CA LEU E 169 -8.12 6.03 2.38
C LEU E 169 -8.73 6.32 3.75
N GLY E 170 -9.19 5.30 4.45
CA GLY E 170 -9.88 5.55 5.71
C GLY E 170 -10.57 4.30 6.24
N ASN E 171 -11.44 4.53 7.22
CA ASN E 171 -12.14 3.46 7.93
C ASN E 171 -13.65 3.69 7.87
N ASN E 172 -14.40 2.59 7.73
CA ASN E 172 -15.86 2.60 7.77
C ASN E 172 -16.46 3.53 6.72
N VAL E 173 -16.02 3.36 5.48
CA VAL E 173 -16.54 4.10 4.34
C VAL E 173 -17.26 3.12 3.43
N HIS E 174 -18.54 3.39 3.17
CA HIS E 174 -19.37 2.52 2.33
C HIS E 174 -19.90 3.35 1.16
N ILE E 175 -19.51 2.97 -0.05
CA ILE E 175 -19.96 3.66 -1.25
C ILE E 175 -21.09 2.86 -1.89
N GLY E 176 -22.20 3.53 -2.19
CA GLY E 176 -23.36 2.89 -2.75
C GLY E 176 -23.30 2.78 -4.26
N GLY E 177 -24.42 2.35 -4.85
CA GLY E 177 -24.48 2.13 -6.28
C GLY E 177 -24.78 3.41 -7.04
N GLY E 178 -24.10 3.59 -8.16
CA GLY E 178 -24.27 4.76 -9.00
C GLY E 178 -23.32 5.90 -8.76
N ILE E 179 -22.24 5.68 -8.02
CA ILE E 179 -21.26 6.72 -7.69
C ILE E 179 -19.97 6.42 -8.43
N ASN E 180 -19.47 7.40 -9.16
CA ASN E 180 -18.22 7.26 -9.92
C ASN E 180 -17.36 8.49 -9.72
N ASN E 181 -16.05 8.31 -9.83
CA ASN E 181 -15.07 9.40 -9.76
C ASN E 181 -15.18 10.18 -8.45
N SER E 182 -14.93 9.50 -7.34
CA SER E 182 -15.02 10.10 -6.02
C SER E 182 -13.81 9.72 -5.17
N VAL E 183 -13.48 10.59 -4.22
CA VAL E 183 -12.38 10.37 -3.28
C VAL E 183 -12.90 10.61 -1.87
N ALA E 184 -12.58 9.70 -0.96
CA ALA E 184 -13.00 9.79 0.43
C ALA E 184 -11.76 9.81 1.33
N LEU E 185 -11.68 10.79 2.21
CA LEU E 185 -10.55 10.97 3.10
C LEU E 185 -11.02 11.04 4.54
N GLY E 186 -10.39 10.26 5.41
CA GLY E 186 -10.63 10.35 6.84
C GLY E 186 -11.36 9.13 7.39
N ASN E 187 -11.54 9.16 8.70
CA ASN E 187 -12.23 8.09 9.42
C ASN E 187 -13.69 8.44 9.59
N ASN E 188 -14.56 7.45 9.33
CA ASN E 188 -16.01 7.62 9.42
C ASN E 188 -16.50 8.72 8.48
N SER E 189 -16.11 8.61 7.21
CA SER E 189 -16.50 9.57 6.19
C SER E 189 -17.57 8.97 5.28
N THR E 190 -18.29 9.86 4.60
CA THR E 190 -19.41 9.46 3.75
C THR E 190 -19.28 10.13 2.38
N VAL E 191 -19.70 9.39 1.35
CA VAL E 191 -19.75 9.89 -0.02
C VAL E 191 -21.15 9.60 -0.57
N SER E 192 -21.76 10.62 -1.19
CA SER E 192 -23.13 10.47 -1.66
C SER E 192 -23.36 11.06 -3.04
N ALA E 193 -22.30 11.35 -3.80
CA ALA E 193 -22.47 11.93 -5.12
C ALA E 193 -21.21 11.64 -5.96
N SER E 194 -21.34 11.86 -7.26
CA SER E 194 -20.25 11.65 -8.19
C SER E 194 -19.46 12.95 -8.38
N ASN E 195 -18.17 12.78 -8.73
CA ASN E 195 -17.26 13.91 -8.95
C ASN E 195 -17.17 14.81 -7.72
N THR E 196 -16.87 14.21 -6.58
CA THR E 196 -16.76 14.93 -5.31
C THR E 196 -15.60 14.40 -4.49
N VAL E 197 -15.10 15.25 -3.61
CA VAL E 197 -14.11 14.88 -2.60
C VAL E 197 -14.72 15.19 -1.23
N SER E 198 -14.76 14.19 -0.36
CA SER E 198 -15.39 14.31 0.95
C SER E 198 -14.34 14.20 2.05
N VAL E 199 -14.44 15.07 3.04
CA VAL E 199 -13.48 15.09 4.15
C VAL E 199 -14.22 14.98 5.48
N GLY E 200 -15.38 14.36 5.48
CA GLY E 200 -16.15 14.22 6.69
C GLY E 200 -17.54 13.67 6.39
N SER E 201 -18.42 13.83 7.38
CA SER E 201 -19.80 13.38 7.26
C SER E 201 -20.77 14.48 7.64
N SER E 202 -22.07 14.16 7.70
CA SER E 202 -23.07 15.16 8.04
C SER E 202 -23.21 15.38 9.54
N THR E 203 -22.52 14.58 10.36
CA THR E 203 -22.51 14.76 11.81
C THR E 203 -21.20 15.32 12.33
N LEU E 204 -20.08 14.98 11.71
CA LEU E 204 -18.78 15.50 12.08
C LEU E 204 -18.12 16.08 10.84
N LYS E 205 -17.59 17.29 10.96
CA LYS E 205 -16.97 18.01 9.85
C LYS E 205 -15.54 18.36 10.21
N ARG E 206 -14.68 18.41 9.21
CA ARG E 206 -13.26 18.68 9.39
C ARG E 206 -12.88 20.02 8.80
N LYS E 207 -11.74 20.54 9.24
CA LYS E 207 -11.21 21.80 8.78
C LYS E 207 -9.94 21.55 7.97
N ILE E 208 -9.75 22.35 6.92
CA ILE E 208 -8.55 22.27 6.10
C ILE E 208 -7.66 23.45 6.48
N VAL E 209 -6.43 23.15 6.91
CA VAL E 209 -5.53 24.14 7.47
C VAL E 209 -4.26 24.21 6.62
N ASN E 210 -3.54 25.31 6.79
CA ASN E 210 -2.25 25.54 6.11
C ASN E 210 -2.42 25.57 4.59
N VAL E 211 -3.29 26.46 4.13
CA VAL E 211 -3.63 26.59 2.71
C VAL E 211 -3.09 27.92 2.21
N GLY E 212 -2.42 27.89 1.06
CA GLY E 212 -1.90 29.11 0.47
C GLY E 212 -2.96 29.94 -0.19
N ASP E 213 -2.61 31.19 -0.46
CA ASP E 213 -3.57 32.14 -1.03
C ASP E 213 -3.85 31.81 -2.49
N GLY E 214 -5.12 31.92 -2.87
CA GLY E 214 -5.53 31.70 -4.24
C GLY E 214 -5.43 32.98 -5.06
N ALA E 215 -6.04 32.94 -6.23
CA ALA E 215 -6.09 34.07 -7.15
C ALA E 215 -7.52 34.55 -7.28
N ILE E 216 -7.74 35.85 -7.12
CA ILE E 216 -9.06 36.46 -7.23
C ILE E 216 -9.14 37.08 -8.62
N SER E 217 -9.78 36.38 -9.54
CA SER E 217 -9.91 36.85 -10.92
C SER E 217 -11.22 36.31 -11.50
N ALA E 218 -11.49 36.66 -12.75
CA ALA E 218 -12.75 36.30 -13.38
C ALA E 218 -12.89 34.79 -13.53
N ASN E 219 -11.80 34.11 -13.91
CA ASN E 219 -11.79 32.66 -14.11
C ASN E 219 -10.66 32.05 -13.29
N SER E 220 -10.93 31.79 -12.01
CA SER E 220 -9.92 31.27 -11.09
C SER E 220 -10.56 30.19 -10.23
N SER E 221 -10.16 28.94 -10.44
CA SER E 221 -10.65 27.81 -9.66
C SER E 221 -9.65 27.43 -8.57
N ASP E 222 -9.48 28.34 -7.62
CA ASP E 222 -8.58 28.12 -6.49
C ASP E 222 -9.33 28.40 -5.19
N ALA E 223 -8.91 27.72 -4.12
CA ALA E 223 -9.55 27.90 -2.83
C ALA E 223 -9.21 29.27 -2.24
N VAL E 224 -10.08 29.74 -1.36
CA VAL E 224 -9.98 31.06 -0.75
C VAL E 224 -9.77 30.89 0.75
N THR E 225 -8.81 31.63 1.29
CA THR E 225 -8.49 31.57 2.72
C THR E 225 -9.24 32.65 3.50
N GLY E 226 -9.14 32.57 4.82
CA GLY E 226 -9.87 33.49 5.68
C GLY E 226 -9.40 34.93 5.57
N ARG E 227 -8.08 35.12 5.41
CA ARG E 227 -7.53 36.46 5.31
C ARG E 227 -8.07 37.20 4.08
N GLN E 228 -8.31 36.47 2.98
CA GLN E 228 -8.79 37.12 1.77
C GLN E 228 -10.22 37.61 1.94
N LEU E 229 -11.06 36.85 2.65
CA LEU E 229 -12.40 37.34 2.96
C LEU E 229 -12.36 38.46 3.98
N TYR E 230 -11.40 38.42 4.92
CA TYR E 230 -11.27 39.48 5.91
C TYR E 230 -10.90 40.80 5.26
N SER E 231 -9.95 40.78 4.32
CA SER E 231 -9.44 42.03 3.76
C SER E 231 -10.28 42.50 2.57
N GLY E 232 -10.59 41.60 1.65
CA GLY E 232 -11.39 41.93 0.48
C GLY E 232 -10.61 42.47 -0.69
N ASN E 233 -9.30 42.22 -0.77
CA ASN E 233 -8.49 42.75 -1.85
C ASN E 233 -8.75 41.99 -3.15
N GLY E 234 -8.83 42.73 -4.25
CA GLY E 234 -8.90 42.13 -5.57
C GLY E 234 -10.28 41.81 -6.10
N ILE E 235 -11.33 42.42 -5.55
CA ILE E 235 -12.70 42.12 -5.97
C ILE E 235 -13.15 43.14 -7.00
N ASP E 236 -14.22 42.79 -7.71
CA ASP E 236 -14.82 43.68 -8.71
C ASP E 236 -15.65 44.73 -8.00
N THR E 237 -15.19 45.99 -8.03
CA THR E 237 -15.89 47.05 -7.31
C THR E 237 -17.26 47.34 -7.92
N ALA E 238 -17.35 47.34 -9.25
CA ALA E 238 -18.61 47.69 -9.91
C ALA E 238 -19.69 46.64 -9.65
N ALA E 239 -19.32 45.35 -9.68
CA ALA E 239 -20.30 44.30 -9.44
C ALA E 239 -20.87 44.37 -8.03
N TRP E 240 -20.01 44.63 -7.04
CA TRP E 240 -20.51 44.76 -5.67
C TRP E 240 -21.27 46.08 -5.47
N GLN E 241 -20.90 47.12 -6.22
CA GLN E 241 -21.58 48.41 -6.08
C GLN E 241 -22.95 48.41 -6.72
N ASN E 242 -23.18 47.59 -7.75
CA ASN E 242 -24.53 47.48 -8.29
C ASN E 242 -25.30 46.29 -7.75
N LYS E 243 -24.63 45.34 -7.11
CA LYS E 243 -25.33 44.29 -6.37
C LYS E 243 -25.94 44.86 -5.09
N LEU E 244 -25.16 45.63 -4.35
CA LEU E 244 -25.64 46.35 -3.17
C LEU E 244 -25.77 47.82 -3.54
N ASN E 245 -26.98 48.35 -3.47
CA ASN E 245 -27.21 49.73 -3.91
C ASN E 245 -26.46 50.69 -3.00
N VAL E 246 -25.37 51.25 -3.50
CA VAL E 246 -24.50 52.13 -2.74
C VAL E 246 -24.56 53.52 -3.34
N THR E 247 -24.65 54.54 -2.48
CA THR E 247 -24.53 55.93 -2.91
C THR E 247 -23.09 56.36 -2.67
N ARG E 248 -22.36 56.59 -3.75
CA ARG E 248 -20.92 56.85 -3.68
C ARG E 248 -20.66 58.22 -3.08
N LYS E 249 -19.57 58.32 -2.30
CA LYS E 249 -19.29 59.54 -1.55
C LYS E 249 -19.03 60.72 -2.47
N ASN E 250 -18.33 60.50 -3.59
CA ASN E 250 -18.07 61.60 -4.51
C ASN E 250 -19.36 62.12 -5.15
N ASP E 251 -20.35 61.24 -5.33
CA ASP E 251 -21.65 61.67 -5.82
C ASP E 251 -22.57 62.18 -4.72
N TYR E 252 -22.16 62.07 -3.46
CA TYR E 252 -22.93 62.59 -2.34
C TYR E 252 -22.44 63.98 -1.93
N LYS E 253 -21.13 64.21 -1.96
CA LYS E 253 -20.61 65.55 -1.67
C LYS E 253 -21.09 66.55 -2.72
N ASP E 254 -21.09 66.14 -3.98
CA ASP E 254 -21.61 66.95 -5.08
C ASP E 254 -22.96 66.34 -5.46
N ALA E 255 -24.03 67.09 -5.26
CA ALA E 255 -25.38 66.58 -5.47
C ALA E 255 -25.56 66.11 -6.91
N ASN E 256 -25.72 64.80 -7.09
CA ASN E 256 -25.91 64.21 -8.40
C ASN E 256 -27.04 63.19 -8.34
N ASP E 257 -27.80 63.10 -9.44
CA ASP E 257 -28.84 62.10 -9.61
C ASP E 257 -29.90 62.18 -8.51
N ILE E 258 -30.35 63.40 -8.22
CA ILE E 258 -31.40 63.62 -7.23
C ILE E 258 -32.65 64.09 -7.94
N ASP E 259 -33.81 63.74 -7.38
CA ASP E 259 -35.10 64.23 -7.86
C ASP E 259 -35.35 65.56 -7.16
N VAL E 260 -35.26 66.64 -7.93
CA VAL E 260 -35.22 67.99 -7.34
C VAL E 260 -36.54 68.33 -6.65
N ASN E 261 -37.67 67.99 -7.28
CA ASN E 261 -38.96 68.40 -6.75
C ASN E 261 -39.23 67.77 -5.38
N LYS E 262 -38.85 66.51 -5.21
CA LYS E 262 -39.06 65.86 -3.92
C LYS E 262 -38.19 66.46 -2.82
N TRP E 263 -37.01 66.97 -3.17
CA TRP E 263 -36.18 67.66 -2.19
C TRP E 263 -36.70 69.07 -1.91
N LYS E 264 -37.38 69.67 -2.87
CA LYS E 264 -38.10 70.93 -2.61
C LYS E 264 -39.18 70.75 -1.56
N ALA E 265 -39.96 69.67 -1.66
CA ALA E 265 -41.10 69.45 -0.77
C ALA E 265 -40.68 69.33 0.68
N LYS E 266 -39.85 68.33 0.99
CA LYS E 266 -39.46 68.04 2.36
C LYS E 266 -38.67 69.19 2.98
N LEU E 267 -37.75 69.77 2.22
CA LEU E 267 -36.95 70.87 2.72
C LEU E 267 -37.70 72.20 2.57
N GLN F 2 -20.04 -36.50 17.52
CA GLN F 2 -20.62 -35.97 16.30
C GLN F 2 -21.46 -34.73 16.58
N LEU F 3 -21.26 -33.69 15.77
CA LEU F 3 -22.00 -32.45 15.94
C LEU F 3 -23.48 -32.67 15.68
N THR F 4 -24.32 -32.22 16.61
CA THR F 4 -25.76 -32.45 16.50
C THR F 4 -26.52 -31.16 16.77
N THR F 5 -27.69 -31.05 16.13
CA THR F 5 -28.57 -29.90 16.29
C THR F 5 -29.94 -30.38 16.74
N GLU F 6 -30.53 -29.68 17.71
CA GLU F 6 -31.81 -30.06 18.28
C GLU F 6 -32.77 -28.88 18.25
N SER F 7 -33.98 -29.11 17.78
CA SER F 7 -35.02 -28.08 17.77
C SER F 7 -35.95 -28.24 18.95
N MET F 8 -36.42 -27.11 19.49
CA MET F 8 -37.30 -27.18 20.64
C MET F 8 -38.31 -26.04 20.63
N PRO F 9 -39.61 -26.33 20.45
CA PRO F 9 -40.22 -27.63 20.16
C PRO F 9 -40.21 -27.96 18.67
N PHE F 10 -40.38 -29.23 18.30
CA PHE F 10 -40.43 -29.59 16.89
C PHE F 10 -41.65 -28.99 16.22
N ASN F 11 -42.81 -29.06 16.87
CA ASN F 11 -44.04 -28.46 16.37
C ASN F 11 -44.35 -27.23 17.20
N VAL F 12 -44.54 -26.09 16.53
CA VAL F 12 -44.68 -24.80 17.20
C VAL F 12 -45.93 -24.12 16.67
N ALA F 13 -46.45 -23.17 17.47
CA ALA F 13 -47.64 -22.43 17.10
C ALA F 13 -47.31 -21.33 16.09
N GLU F 14 -48.26 -20.41 15.86
CA GLU F 14 -48.13 -19.43 14.81
C GLU F 14 -47.58 -18.12 15.36
N GLY F 15 -47.33 -18.09 16.67
CA GLY F 15 -46.84 -16.87 17.28
C GLY F 15 -45.82 -17.06 18.39
N LYS F 16 -45.34 -18.30 18.56
CA LYS F 16 -44.42 -18.60 19.66
C LYS F 16 -42.97 -18.47 19.22
N GLU F 17 -42.05 -18.92 20.06
CA GLU F 17 -40.63 -18.83 19.81
C GLU F 17 -40.08 -20.22 19.48
N VAL F 18 -39.08 -20.26 18.61
CA VAL F 18 -38.41 -21.50 18.24
C VAL F 18 -36.93 -21.37 18.56
N LEU F 19 -36.38 -22.37 19.25
CA LEU F 19 -35.00 -22.37 19.69
C LEU F 19 -34.27 -23.58 19.14
N LEU F 20 -33.13 -23.33 18.50
CA LEU F 20 -32.28 -24.37 17.95
C LEU F 20 -30.97 -24.40 18.72
N LEU F 21 -30.64 -25.56 19.29
CA LEU F 21 -29.47 -25.78 20.13
C LEU F 21 -28.49 -26.71 19.44
N VAL F 22 -27.24 -26.67 19.91
CA VAL F 22 -26.15 -27.45 19.33
C VAL F 22 -25.48 -28.27 20.43
N HIS F 23 -25.29 -29.55 20.17
CA HIS F 23 -24.60 -30.45 21.08
C HIS F 23 -23.35 -31.02 20.42
N ASN F 24 -22.32 -31.26 21.24
CA ASN F 24 -21.02 -31.76 20.80
C ASN F 24 -20.33 -30.77 19.87
N LEU F 25 -20.25 -29.52 20.33
CA LEU F 25 -19.56 -28.48 19.58
C LEU F 25 -18.06 -28.59 19.79
N PRO F 26 -17.25 -28.65 18.73
CA PRO F 26 -15.81 -28.79 18.90
C PRO F 26 -15.20 -27.58 19.57
N GLN F 27 -14.06 -27.80 20.22
CA GLN F 27 -13.31 -26.72 20.85
C GLN F 27 -12.36 -26.06 19.86
N GLN F 28 -11.83 -24.90 20.24
CA GLN F 28 -10.84 -24.15 19.47
C GLN F 28 -11.38 -23.82 18.07
N LEU F 29 -12.44 -23.02 18.07
CA LEU F 29 -13.14 -22.64 16.85
C LEU F 29 -12.72 -21.24 16.41
N PHE F 30 -13.32 -20.80 15.29
CA PHE F 30 -13.04 -19.49 14.70
C PHE F 30 -14.30 -18.67 14.46
N GLY F 31 -15.43 -19.31 14.15
CA GLY F 31 -16.67 -18.59 13.96
C GLY F 31 -17.79 -19.54 13.58
N TYR F 32 -19.00 -19.00 13.56
CA TYR F 32 -20.20 -19.75 13.19
C TYR F 32 -20.94 -19.00 12.08
N SER F 33 -21.89 -19.70 11.47
CA SER F 33 -22.73 -19.08 10.41
C SER F 33 -24.01 -19.92 10.19
N TRP F 34 -25.17 -19.29 10.18
CA TRP F 34 -26.45 -19.96 10.00
C TRP F 34 -27.01 -19.64 8.61
N TYR F 35 -27.50 -20.67 7.93
CA TYR F 35 -28.05 -20.53 6.59
C TYR F 35 -29.49 -21.02 6.57
N LYS F 36 -30.14 -20.80 5.43
CA LYS F 36 -31.51 -21.26 5.19
C LYS F 36 -31.48 -22.32 4.09
N GLY F 37 -32.04 -23.49 4.38
CA GLY F 37 -32.09 -24.57 3.41
C GLY F 37 -31.18 -25.73 3.74
N GLU F 38 -30.56 -26.32 2.72
CA GLU F 38 -29.71 -27.49 2.89
C GLU F 38 -28.27 -27.25 2.46
N ARG F 39 -27.99 -26.17 1.74
CA ARG F 39 -26.67 -25.91 1.20
C ARG F 39 -26.13 -24.59 1.75
N VAL F 40 -24.80 -24.50 1.83
CA VAL F 40 -24.15 -23.26 2.22
C VAL F 40 -24.10 -22.34 1.01
N ASP F 41 -24.81 -21.21 1.09
CA ASP F 41 -24.93 -20.28 -0.01
C ASP F 41 -24.70 -18.86 0.48
N GLY F 42 -24.05 -18.05 -0.35
CA GLY F 42 -23.76 -16.68 0.04
C GLY F 42 -25.00 -15.82 0.19
N ASN F 43 -25.99 -16.02 -0.70
CA ASN F 43 -27.19 -15.19 -0.72
C ASN F 43 -28.24 -15.65 0.28
N ARG F 44 -28.00 -16.73 1.02
CA ARG F 44 -28.99 -17.31 1.92
C ARG F 44 -28.40 -17.48 3.31
N GLN F 45 -27.75 -16.44 3.82
CA GLN F 45 -27.18 -16.42 5.15
C GLN F 45 -28.00 -15.53 6.06
N ILE F 46 -28.24 -16.00 7.29
CA ILE F 46 -29.07 -15.27 8.23
C ILE F 46 -28.20 -14.40 9.13
N VAL F 47 -27.28 -15.02 9.86
CA VAL F 47 -26.44 -14.33 10.83
C VAL F 47 -25.14 -15.11 10.99
N GLY F 48 -24.09 -14.40 11.38
CA GLY F 48 -22.80 -15.03 11.61
C GLY F 48 -22.12 -14.42 12.82
N TYR F 49 -21.20 -15.18 13.40
CA TYR F 49 -20.50 -14.76 14.60
C TYR F 49 -19.01 -14.99 14.44
N ALA F 50 -18.21 -14.05 14.95
CA ALA F 50 -16.76 -14.12 14.92
C ALA F 50 -16.23 -14.07 16.35
N ILE F 51 -15.36 -15.02 16.68
CA ILE F 51 -14.85 -15.15 18.04
C ILE F 51 -13.64 -14.25 18.27
N GLY F 52 -12.87 -13.97 17.22
CA GLY F 52 -11.69 -13.13 17.38
C GLY F 52 -12.01 -11.74 17.86
N THR F 53 -13.08 -11.14 17.33
CA THR F 53 -13.52 -9.81 17.72
C THR F 53 -14.80 -9.84 18.55
N GLN F 54 -15.36 -11.02 18.81
CA GLN F 54 -16.62 -11.17 19.54
C GLN F 54 -17.72 -10.33 18.90
N GLN F 55 -18.00 -10.62 17.63
CA GLN F 55 -18.90 -9.79 16.84
C GLN F 55 -19.98 -10.64 16.19
N ALA F 56 -21.17 -10.08 16.05
CA ALA F 56 -22.29 -10.73 15.40
C ALA F 56 -22.79 -9.84 14.27
N THR F 57 -22.95 -10.39 13.07
CA THR F 57 -23.34 -9.55 11.91
C THR F 57 -24.41 -10.26 11.11
N PRO F 58 -25.56 -9.62 10.85
CA PRO F 58 -26.65 -10.23 10.06
C PRO F 58 -26.27 -10.37 8.60
N GLY F 59 -27.00 -11.24 7.91
CA GLY F 59 -26.74 -11.54 6.53
C GLY F 59 -27.85 -11.08 5.60
N PRO F 60 -27.72 -11.38 4.31
CA PRO F 60 -28.71 -10.92 3.33
C PRO F 60 -30.12 -11.44 3.57
N ALA F 61 -30.27 -12.61 4.18
CA ALA F 61 -31.57 -13.24 4.38
C ALA F 61 -32.10 -13.03 5.79
N ASN F 62 -31.87 -11.85 6.36
CA ASN F 62 -32.32 -11.52 7.69
C ASN F 62 -33.54 -10.60 7.61
N SER F 63 -34.54 -10.90 8.44
CA SER F 63 -35.76 -10.09 8.51
C SER F 63 -35.85 -9.24 9.75
N GLY F 64 -35.16 -9.61 10.83
CA GLY F 64 -35.21 -8.85 12.07
C GLY F 64 -35.77 -9.66 13.22
N ARG F 65 -35.95 -10.96 13.01
CA ARG F 65 -36.53 -11.84 14.01
C ARG F 65 -35.60 -12.95 14.46
N GLU F 66 -34.38 -13.01 13.96
CA GLU F 66 -33.43 -14.07 14.25
C GLU F 66 -32.31 -13.53 15.12
N THR F 67 -32.00 -14.25 16.21
CA THR F 67 -30.96 -13.85 17.14
C THR F 67 -30.00 -15.02 17.37
N ILE F 68 -28.71 -14.72 17.42
CA ILE F 68 -27.68 -15.72 17.64
C ILE F 68 -27.13 -15.54 19.05
N TYR F 69 -26.74 -16.66 19.66
CA TYR F 69 -26.15 -16.63 20.99
C TYR F 69 -24.73 -17.21 20.94
N PRO F 70 -23.85 -16.81 21.87
CA PRO F 70 -22.46 -17.26 21.80
C PRO F 70 -22.25 -18.69 22.26
N ASN F 71 -23.15 -19.59 21.85
CA ASN F 71 -22.97 -21.02 22.01
C ASN F 71 -23.49 -21.77 20.79
N ALA F 72 -23.53 -21.10 19.63
CA ALA F 72 -24.12 -21.62 18.40
C ALA F 72 -25.58 -22.01 18.62
N SER F 73 -26.36 -21.05 19.11
CA SER F 73 -27.78 -21.26 19.36
C SER F 73 -28.57 -20.17 18.64
N LEU F 74 -29.70 -20.56 18.05
CA LEU F 74 -30.51 -19.66 17.25
C LEU F 74 -31.89 -19.52 17.86
N LEU F 75 -32.39 -18.29 17.91
CA LEU F 75 -33.74 -17.99 18.40
C LEU F 75 -34.52 -17.27 17.31
N ILE F 76 -35.73 -17.76 17.04
CA ILE F 76 -36.61 -17.15 16.05
C ILE F 76 -37.94 -16.82 16.73
N GLN F 77 -38.42 -15.60 16.51
CA GLN F 77 -39.64 -15.10 17.13
C GLN F 77 -40.67 -14.75 16.07
N ASN F 78 -41.94 -14.90 16.42
CA ASN F 78 -43.08 -14.59 15.56
C ASN F 78 -42.98 -15.33 14.23
N VAL F 79 -43.00 -16.65 14.31
CA VAL F 79 -42.83 -17.49 13.14
C VAL F 79 -44.11 -17.49 12.30
N THR F 80 -43.95 -17.69 11.00
CA THR F 80 -45.09 -17.78 10.09
C THR F 80 -45.04 -19.10 9.33
N GLN F 81 -45.93 -19.27 8.36
CA GLN F 81 -45.96 -20.51 7.59
C GLN F 81 -44.88 -20.55 6.51
N ASN F 82 -44.17 -19.46 6.28
CA ASN F 82 -43.07 -19.45 5.32
C ASN F 82 -41.73 -19.72 5.97
N ASP F 83 -41.69 -19.95 7.28
CA ASP F 83 -40.46 -20.22 8.01
C ASP F 83 -40.28 -21.69 8.32
N THR F 84 -41.07 -22.56 7.70
CA THR F 84 -41.02 -23.99 7.98
C THR F 84 -40.05 -24.69 7.03
N GLY F 85 -39.26 -25.60 7.59
CA GLY F 85 -38.38 -26.42 6.79
C GLY F 85 -37.03 -26.73 7.40
N PHE F 86 -35.98 -26.61 6.57
CA PHE F 86 -34.63 -27.04 6.90
C PHE F 86 -33.73 -25.85 7.16
N TYR F 87 -32.67 -26.09 7.95
CA TYR F 87 -31.68 -25.07 8.26
C TYR F 87 -30.31 -25.74 8.35
N THR F 88 -29.26 -24.98 8.02
CA THR F 88 -27.91 -25.50 7.95
C THR F 88 -26.99 -24.64 8.81
N LEU F 89 -26.04 -25.29 9.49
CA LEU F 89 -25.07 -24.62 10.35
C LEU F 89 -23.66 -24.99 9.88
N GLN F 90 -22.81 -23.98 9.73
CA GLN F 90 -21.41 -24.16 9.36
C GLN F 90 -20.52 -23.69 10.50
N VAL F 91 -19.53 -24.51 10.84
CA VAL F 91 -18.59 -24.22 11.92
C VAL F 91 -17.19 -24.22 11.33
N ILE F 92 -16.46 -23.10 11.53
CA ILE F 92 -15.06 -22.97 11.02
C ILE F 92 -14.12 -23.15 12.21
N LYS F 93 -13.10 -24.00 12.07
CA LYS F 93 -12.21 -24.33 13.21
C LYS F 93 -10.97 -23.45 13.20
N SER F 94 -10.02 -23.72 14.10
CA SER F 94 -8.80 -22.88 14.22
C SER F 94 -7.77 -23.25 13.15
N ASP F 95 -8.03 -24.32 12.39
CA ASP F 95 -7.09 -24.77 11.34
C ASP F 95 -7.68 -24.42 9.97
N LEU F 96 -8.80 -23.70 9.94
CA LEU F 96 -9.45 -23.26 8.68
C LEU F 96 -10.18 -24.44 8.01
N VAL F 97 -10.52 -25.48 8.75
CA VAL F 97 -11.31 -26.62 8.19
C VAL F 97 -12.78 -26.37 8.54
N ASN F 98 -13.73 -27.00 7.83
CA ASN F 98 -15.18 -26.68 8.05
C ASN F 98 -16.01 -27.88 8.48
N GLU F 99 -17.12 -27.64 9.15
CA GLU F 99 -18.06 -28.67 9.59
C GLU F 99 -19.48 -28.19 9.32
N GLU F 100 -20.38 -29.13 9.03
CA GLU F 100 -21.75 -28.82 8.67
C GLU F 100 -22.72 -29.64 9.49
N ALA F 101 -23.87 -29.04 9.79
CA ALA F 101 -24.94 -29.72 10.51
C ALA F 101 -26.28 -29.24 9.97
N THR F 102 -27.32 -30.04 10.17
CA THR F 102 -28.64 -29.77 9.60
C THR F 102 -29.72 -29.94 10.65
N GLY F 103 -30.65 -28.99 10.71
CA GLY F 103 -31.81 -29.09 11.58
C GLY F 103 -33.09 -28.83 10.80
N GLN F 104 -34.22 -29.11 11.44
CA GLN F 104 -35.50 -29.04 10.77
C GLN F 104 -36.61 -28.74 11.77
N PHE F 105 -37.63 -28.00 11.32
CA PHE F 105 -38.83 -27.83 12.12
C PHE F 105 -39.99 -27.39 11.23
N HIS F 106 -41.20 -27.78 11.61
CA HIS F 106 -42.41 -27.51 10.84
C HIS F 106 -43.42 -26.76 11.71
N VAL F 107 -44.06 -25.76 11.12
CA VAL F 107 -45.01 -24.92 11.84
C VAL F 107 -46.43 -25.25 11.42
N TYR F 108 -47.35 -25.34 12.39
CA TYR F 108 -48.75 -25.61 12.09
C TYR F 108 -49.62 -24.41 12.43
#